data_2W90
#
_entry.id   2W90
#
_cell.length_a   66.950
_cell.length_b   119.500
_cell.length_c   142.240
_cell.angle_alpha   90.00
_cell.angle_beta   90.00
_cell.angle_gamma   90.00
#
_symmetry.space_group_name_H-M   'P 21 21 21'
#
loop_
_entity.id
_entity.type
_entity.pdbx_description
1 polymer '6-PHOSPHOGLUCONATE DEHYDROGENASE, DECARBOXYLATING'
2 non-polymer '6-PHOSPHOGLUCONIC ACID'
3 non-polymer 2-AMINO-2-HYDROXYMETHYL-PROPANE-1,3-DIOL
4 non-polymer 'SULFATE ION'
5 water water
#
_entity_poly.entity_id   1
_entity_poly.type   'polypeptide(L)'
_entity_poly.pdbx_seq_one_letter_code
;GHMAKHQIGVIGLAVMGKNLALNIESKGYSVAVYNRLREKTDEFLQEAKGKNIVGTYSIEEFVNALEKPRKILLMVKAGA
PTDATIEQLKPHLEKGDIVIDGGNTYFKDTQRRNKELAELGIHFIGTGVSGGEEGALKGPSIMPGGQKEAHELVRPIFEA
IAAKVDGEPCTTYIGPDGAGHYVKMVHNGIEYGDMQLIAEAYFLLKHVLGMDAAELHEVFADWNKGELNSYLIEITADIF
TKIDEETGKPLVDVILDKAGQKGTGKWTSQNALDLGVPLPIITESVFARFLSAMKDERVKASKVLAGPAVKPFEGDRAHF
IEAVRRALYMSKICSYAQGFAQMKAASEEYNWNLRYGDIAMIFRGGCIIRAQFLQKIKEAYDRDPALSNLLLDSYFKDIV
ERYQDALREIVATAAMRGIPVPGSASALAYYDSYRTAVLPANLIQAQRDYFGAHTYERVDKEGIFHTEWLK
;
_entity_poly.pdbx_strand_id   A,B
#
loop_
_chem_comp.id
_chem_comp.type
_chem_comp.name
_chem_comp.formula
6PG D-saccharide '6-PHOSPHOGLUCONIC ACID' 'C6 H13 O10 P'
SO4 non-polymer 'SULFATE ION' 'O4 S -2'
TRS non-polymer 2-AMINO-2-HYDROXYMETHYL-PROPANE-1,3-DIOL 'C4 H12 N O3 1'
#
# COMPACT_ATOMS: atom_id res chain seq x y z
N HIS A 2 -46.71 17.56 -25.07
CA HIS A 2 -45.42 18.31 -25.14
C HIS A 2 -44.91 18.63 -23.73
N MET A 3 -44.29 17.62 -23.10
CA MET A 3 -43.87 17.68 -21.69
C MET A 3 -42.82 18.80 -21.42
N ALA A 4 -42.79 19.28 -20.16
CA ALA A 4 -42.29 20.64 -19.83
C ALA A 4 -40.82 20.77 -19.40
N LYS A 5 -40.08 19.66 -19.40
CA LYS A 5 -38.60 19.70 -19.34
C LYS A 5 -37.97 20.22 -18.03
N HIS A 6 -37.27 19.33 -17.33
CA HIS A 6 -36.63 19.64 -16.06
C HIS A 6 -35.17 19.92 -16.26
N GLN A 7 -34.56 20.67 -15.34
CA GLN A 7 -33.21 21.20 -15.55
C GLN A 7 -32.07 20.21 -15.30
N ILE A 8 -32.26 19.30 -14.35
CA ILE A 8 -31.22 18.34 -14.04
C ILE A 8 -31.82 17.02 -13.58
N GLY A 9 -31.16 15.94 -13.97
CA GLY A 9 -31.59 14.60 -13.64
C GLY A 9 -30.64 14.01 -12.63
N VAL A 10 -31.18 13.23 -11.70
CA VAL A 10 -30.35 12.47 -10.77
C VAL A 10 -30.78 11.00 -10.72
N ILE A 11 -29.88 10.10 -11.10
CA ILE A 11 -30.07 8.66 -10.95
C ILE A 11 -29.27 8.18 -9.75
N GLY A 12 -29.91 7.38 -8.90
CA GLY A 12 -29.27 6.80 -7.70
C GLY A 12 -29.70 7.54 -6.46
N LEU A 13 -30.43 6.86 -5.57
CA LEU A 13 -31.09 7.53 -4.44
C LEU A 13 -30.85 6.84 -3.10
N ALA A 14 -29.59 6.47 -2.88
CA ALA A 14 -29.07 6.34 -1.51
C ALA A 14 -29.00 7.77 -0.97
N VAL A 15 -28.62 7.92 0.29
CA VAL A 15 -28.79 9.22 0.97
C VAL A 15 -27.93 10.32 0.35
N MET A 16 -26.78 9.96 -0.22
CA MET A 16 -25.86 10.94 -0.81
C MET A 16 -26.49 11.63 -2.02
N GLY A 17 -27.32 10.89 -2.76
CA GLY A 17 -27.92 11.37 -3.99
C GLY A 17 -29.21 12.07 -3.73
N LYS A 18 -29.97 11.53 -2.77
CA LYS A 18 -31.10 12.24 -2.23
C LYS A 18 -30.68 13.63 -1.74
N ASN A 19 -29.71 13.69 -0.85
CA ASN A 19 -29.32 14.96 -0.26
C ASN A 19 -28.72 15.94 -1.27
N LEU A 20 -28.04 15.44 -2.29
CA LEU A 20 -27.56 16.33 -3.34
C LEU A 20 -28.69 16.82 -4.26
N ALA A 21 -29.65 15.96 -4.60
CA ALA A 21 -30.81 16.41 -5.38
C ALA A 21 -31.56 17.49 -4.61
N LEU A 22 -31.74 17.25 -3.31
CA LEU A 22 -32.38 18.22 -2.41
C LEU A 22 -31.59 19.55 -2.38
N ASN A 23 -30.26 19.48 -2.30
CA ASN A 23 -29.39 20.66 -2.38
C ASN A 23 -29.65 21.42 -3.69
N ILE A 24 -29.48 20.73 -4.80
CA ILE A 24 -29.74 21.32 -6.10
C ILE A 24 -31.11 22.01 -6.19
N GLU A 25 -32.15 21.38 -5.65
CA GLU A 25 -33.49 21.96 -5.76
C GLU A 25 -33.59 23.25 -4.99
N SER A 26 -32.99 23.24 -3.81
CA SER A 26 -32.93 24.41 -2.92
C SER A 26 -32.19 25.57 -3.55
N LYS A 27 -31.43 25.34 -4.61
CA LYS A 27 -30.74 26.44 -5.29
C LYS A 27 -31.50 26.85 -6.56
N GLY A 28 -32.73 26.36 -6.68
CA GLY A 28 -33.69 26.87 -7.65
C GLY A 28 -33.72 26.12 -8.96
N TYR A 29 -33.22 24.89 -8.97
CA TYR A 29 -33.24 24.06 -10.16
C TYR A 29 -34.34 23.03 -10.00
N SER A 30 -34.99 22.69 -11.11
CA SER A 30 -36.02 21.66 -11.13
C SER A 30 -35.34 20.34 -11.43
N VAL A 31 -35.70 19.31 -10.66
CA VAL A 31 -35.04 18.00 -10.74
C VAL A 31 -36.00 16.84 -11.09
N ALA A 32 -35.56 16.00 -12.02
CA ALA A 32 -36.14 14.68 -12.26
C ALA A 32 -35.18 13.66 -11.63
N VAL A 33 -35.72 12.57 -11.10
CA VAL A 33 -34.90 11.57 -10.45
C VAL A 33 -35.30 10.19 -10.96
N TYR A 34 -34.37 9.23 -10.85
CA TYR A 34 -34.67 7.82 -11.20
C TYR A 34 -33.87 6.84 -10.33
N ASN A 35 -34.46 5.69 -10.06
CA ASN A 35 -33.78 4.65 -9.31
C ASN A 35 -34.22 3.27 -9.81
N ARG A 36 -33.23 2.42 -10.07
CA ARG A 36 -33.47 1.08 -10.55
C ARG A 36 -34.53 0.40 -9.69
N LEU A 37 -34.31 0.45 -8.37
CA LEU A 37 -35.30 0.00 -7.40
C LEU A 37 -36.35 1.11 -7.21
N ARG A 38 -37.58 0.82 -7.65
CA ARG A 38 -38.72 1.71 -7.52
C ARG A 38 -38.95 2.23 -6.10
N GLU A 39 -38.90 1.34 -5.11
CA GLU A 39 -39.22 1.68 -3.72
C GLU A 39 -38.38 2.82 -3.12
N LYS A 40 -37.17 3.03 -3.66
CA LYS A 40 -36.32 4.15 -3.25
C LYS A 40 -36.82 5.48 -3.84
N THR A 41 -37.18 5.46 -5.12
CA THR A 41 -37.84 6.64 -5.73
C THR A 41 -39.17 6.99 -5.03
N ASP A 42 -39.93 5.98 -4.61
CA ASP A 42 -41.19 6.21 -3.88
C ASP A 42 -40.91 6.88 -2.54
N GLU A 43 -39.92 6.36 -1.83
CA GLU A 43 -39.54 6.91 -0.53
C GLU A 43 -38.93 8.31 -0.66
N PHE A 44 -38.16 8.56 -1.71
CA PHE A 44 -37.60 9.90 -1.90
C PHE A 44 -38.68 10.93 -2.23
N LEU A 45 -39.68 10.52 -3.02
CA LEU A 45 -40.77 11.40 -3.39
C LEU A 45 -41.68 11.69 -2.20
N GLN A 46 -41.77 10.75 -1.26
CA GLN A 46 -42.46 11.02 -0.02
C GLN A 46 -41.74 12.12 0.74
N GLU A 47 -40.44 11.91 1.01
CA GLU A 47 -39.59 12.83 1.75
CA GLU A 47 -39.71 12.88 1.82
C GLU A 47 -39.50 14.19 1.06
N ALA A 48 -39.47 14.15 -0.28
CA ALA A 48 -39.26 15.35 -1.09
C ALA A 48 -40.50 16.20 -1.42
N LYS A 49 -41.71 15.82 -1.00
CA LYS A 49 -42.88 16.65 -1.29
C LYS A 49 -42.65 18.06 -0.78
N GLY A 50 -43.25 19.02 -1.50
CA GLY A 50 -42.98 20.43 -1.31
C GLY A 50 -41.83 20.96 -2.13
N LYS A 51 -41.03 20.07 -2.72
CA LYS A 51 -39.85 20.47 -3.50
C LYS A 51 -40.10 20.32 -5.01
N ASN A 52 -39.34 21.06 -5.82
CA ASN A 52 -39.51 20.99 -7.27
C ASN A 52 -38.74 19.82 -7.84
N ILE A 53 -39.24 18.63 -7.50
CA ILE A 53 -38.61 17.37 -7.85
C ILE A 53 -39.68 16.44 -8.39
N VAL A 54 -39.39 15.75 -9.50
CA VAL A 54 -40.36 14.81 -10.07
C VAL A 54 -39.77 13.40 -10.21
N GLY A 55 -40.63 12.39 -10.17
CA GLY A 55 -40.19 11.00 -10.28
C GLY A 55 -40.36 10.44 -11.68
N THR A 56 -39.42 9.60 -12.09
CA THR A 56 -39.54 8.84 -13.35
C THR A 56 -39.22 7.37 -13.06
N TYR A 57 -39.83 6.48 -13.84
CA TYR A 57 -39.84 5.04 -13.56
C TYR A 57 -39.33 4.17 -14.71
N SER A 58 -38.76 4.82 -15.73
CA SER A 58 -37.89 4.16 -16.68
C SER A 58 -36.76 5.13 -17.06
N ILE A 59 -35.71 4.60 -17.69
CA ILE A 59 -34.64 5.43 -18.22
C ILE A 59 -35.11 6.23 -19.45
N GLU A 60 -36.06 5.71 -20.21
CA GLU A 60 -36.66 6.42 -21.34
CA GLU A 60 -36.61 6.46 -21.34
C GLU A 60 -37.27 7.73 -20.80
N GLU A 61 -38.21 7.56 -19.87
CA GLU A 61 -38.93 8.67 -19.23
C GLU A 61 -37.95 9.68 -18.63
N PHE A 62 -36.98 9.17 -17.89
CA PHE A 62 -35.97 10.00 -17.24
C PHE A 62 -35.28 10.90 -18.26
N VAL A 63 -34.65 10.30 -19.27
CA VAL A 63 -33.92 11.11 -20.28
C VAL A 63 -34.85 12.10 -20.97
N ASN A 64 -36.03 11.62 -21.36
CA ASN A 64 -37.05 12.44 -22.01
C ASN A 64 -37.63 13.59 -21.18
N ALA A 65 -37.38 13.60 -19.88
CA ALA A 65 -37.92 14.66 -19.04
C ALA A 65 -36.93 15.82 -18.80
N LEU A 66 -35.73 15.70 -19.36
CA LEU A 66 -34.65 16.66 -19.06
C LEU A 66 -34.47 17.60 -20.24
N GLU A 67 -34.14 18.86 -19.98
CA GLU A 67 -33.88 19.84 -21.05
C GLU A 67 -32.47 19.71 -21.61
N LYS A 68 -32.33 19.93 -22.91
CA LYS A 68 -31.06 19.76 -23.61
C LYS A 68 -30.20 21.03 -23.50
N PRO A 69 -28.87 20.89 -23.34
CA PRO A 69 -28.12 19.64 -23.20
C PRO A 69 -28.36 19.01 -21.86
N ARG A 70 -28.76 17.74 -21.86
CA ARG A 70 -29.17 17.11 -20.62
C ARG A 70 -28.02 17.05 -19.62
N LYS A 71 -28.37 17.22 -18.36
CA LYS A 71 -27.39 17.22 -17.28
C LYS A 71 -27.80 16.11 -16.33
N ILE A 72 -27.04 15.02 -16.38
CA ILE A 72 -27.41 13.82 -15.66
C ILE A 72 -26.36 13.58 -14.61
N LEU A 73 -26.81 13.56 -13.36
CA LEU A 73 -25.94 13.28 -12.22
C LEU A 73 -26.16 11.84 -11.80
N LEU A 74 -25.07 11.10 -11.74
CA LEU A 74 -25.09 9.68 -11.44
C LEU A 74 -24.57 9.51 -10.04
N MET A 75 -25.35 8.86 -9.18
CA MET A 75 -24.97 8.63 -7.79
C MET A 75 -25.33 7.20 -7.35
N VAL A 76 -24.98 6.24 -8.20
CA VAL A 76 -25.21 4.80 -8.00
C VAL A 76 -23.94 4.12 -7.50
N LYS A 77 -24.05 2.85 -7.09
CA LYS A 77 -22.89 2.16 -6.54
CA LYS A 77 -22.90 2.11 -6.56
C LYS A 77 -21.79 2.06 -7.60
N ALA A 78 -20.56 2.34 -7.17
CA ALA A 78 -19.39 2.33 -8.06
C ALA A 78 -19.16 0.93 -8.64
N GLY A 79 -18.63 0.88 -9.85
CA GLY A 79 -18.30 -0.37 -10.50
C GLY A 79 -19.39 -0.69 -11.51
N ALA A 80 -19.73 -1.97 -11.57
CA ALA A 80 -20.66 -2.47 -12.57
C ALA A 80 -21.99 -1.73 -12.60
N PRO A 81 -22.59 -1.45 -11.42
CA PRO A 81 -23.84 -0.67 -11.42
C PRO A 81 -23.75 0.72 -12.07
N THR A 82 -22.62 1.42 -11.94
CA THR A 82 -22.45 2.69 -12.66
C THR A 82 -22.37 2.40 -14.16
N ASP A 83 -21.57 1.40 -14.51
CA ASP A 83 -21.41 1.01 -15.90
C ASP A 83 -22.68 0.53 -16.54
N ALA A 84 -23.49 -0.22 -15.78
CA ALA A 84 -24.78 -0.72 -16.26
C ALA A 84 -25.78 0.44 -16.44
N THR A 85 -25.69 1.47 -15.61
CA THR A 85 -26.56 2.61 -15.79
C THR A 85 -26.14 3.42 -17.01
N ILE A 86 -24.85 3.50 -17.27
CA ILE A 86 -24.39 4.23 -18.47
C ILE A 86 -24.88 3.49 -19.71
N GLU A 87 -24.75 2.16 -19.72
CA GLU A 87 -25.24 1.39 -20.89
C GLU A 87 -26.73 1.62 -21.13
N GLN A 88 -27.52 1.67 -20.06
CA GLN A 88 -28.94 2.00 -20.14
C GLN A 88 -29.20 3.38 -20.77
N LEU A 89 -28.36 4.35 -20.42
CA LEU A 89 -28.50 5.73 -20.89
C LEU A 89 -28.15 5.91 -22.37
N LYS A 90 -27.16 5.17 -22.87
CA LYS A 90 -26.54 5.45 -24.17
C LYS A 90 -27.49 5.51 -25.38
N PRO A 91 -28.43 4.56 -25.49
CA PRO A 91 -29.41 4.54 -26.60
C PRO A 91 -30.26 5.82 -26.73
N HIS A 92 -30.55 6.45 -25.58
CA HIS A 92 -31.45 7.62 -25.53
C HIS A 92 -30.72 8.98 -25.40
N LEU A 93 -29.48 9.03 -24.93
CA LEU A 93 -28.76 10.30 -24.85
CA LEU A 93 -28.74 10.30 -24.86
C LEU A 93 -28.59 10.87 -26.27
N GLU A 94 -28.35 12.18 -26.33
CA GLU A 94 -28.07 12.86 -27.60
C GLU A 94 -26.73 13.58 -27.54
N LYS A 95 -26.15 13.76 -28.72
CA LYS A 95 -24.86 14.45 -28.85
C LYS A 95 -24.90 15.78 -28.10
N GLY A 96 -23.88 16.03 -27.28
CA GLY A 96 -23.85 17.20 -26.40
C GLY A 96 -24.29 16.99 -24.94
N ASP A 97 -24.97 15.87 -24.62
CA ASP A 97 -25.46 15.69 -23.25
C ASP A 97 -24.30 15.41 -22.30
N ILE A 98 -24.52 15.71 -21.04
CA ILE A 98 -23.46 15.64 -20.03
C ILE A 98 -23.88 14.66 -18.95
N VAL A 99 -23.09 13.61 -18.79
CA VAL A 99 -23.27 12.68 -17.71
C VAL A 99 -22.21 13.03 -16.70
N ILE A 100 -22.64 13.20 -15.45
CA ILE A 100 -21.76 13.53 -14.34
C ILE A 100 -21.78 12.36 -13.35
N ASP A 101 -20.64 11.70 -13.17
CA ASP A 101 -20.52 10.63 -12.16
C ASP A 101 -20.03 11.25 -10.85
N GLY A 102 -20.94 11.42 -9.91
CA GLY A 102 -20.61 11.93 -8.59
C GLY A 102 -20.28 10.86 -7.56
N GLY A 103 -20.39 9.60 -7.96
CA GLY A 103 -19.99 8.48 -7.12
C GLY A 103 -18.53 8.52 -6.66
N ASN A 104 -18.22 7.65 -5.70
CA ASN A 104 -16.84 7.45 -5.25
C ASN A 104 -16.18 6.40 -6.12
N THR A 105 -15.69 6.89 -7.26
CA THR A 105 -15.30 6.09 -8.39
C THR A 105 -13.78 6.05 -8.55
N TYR A 106 -13.25 4.88 -8.91
CA TYR A 106 -11.84 4.74 -9.20
C TYR A 106 -11.48 5.53 -10.47
N PHE A 107 -10.48 6.40 -10.38
CA PHE A 107 -10.22 7.37 -11.45
C PHE A 107 -10.03 6.76 -12.84
N LYS A 108 -9.55 5.52 -12.88
CA LYS A 108 -9.23 4.87 -14.13
C LYS A 108 -10.49 4.38 -14.81
N ASP A 109 -11.54 4.10 -14.03
CA ASP A 109 -12.86 3.83 -14.62
C ASP A 109 -13.38 5.09 -15.27
N THR A 110 -13.19 6.24 -14.60
CA THR A 110 -13.62 7.51 -15.18
C THR A 110 -12.85 7.76 -16.50
N GLN A 111 -11.58 7.40 -16.54
CA GLN A 111 -10.79 7.58 -17.76
C GLN A 111 -11.43 6.81 -18.93
N ARG A 112 -11.83 5.58 -18.68
CA ARG A 112 -12.37 4.71 -19.72
C ARG A 112 -13.73 5.22 -20.18
N ARG A 113 -14.64 5.44 -19.24
CA ARG A 113 -15.99 5.96 -19.55
C ARG A 113 -15.92 7.24 -20.37
N ASN A 114 -15.10 8.15 -19.91
CA ASN A 114 -14.87 9.41 -20.59
C ASN A 114 -14.51 9.17 -22.05
N LYS A 115 -13.57 8.29 -22.34
CA LYS A 115 -13.20 8.02 -23.74
C LYS A 115 -14.35 7.37 -24.49
N GLU A 116 -14.97 6.38 -23.86
CA GLU A 116 -16.03 5.63 -24.51
CA GLU A 116 -16.05 5.62 -24.49
C GLU A 116 -17.18 6.56 -24.87
N LEU A 117 -17.55 7.45 -23.95
CA LEU A 117 -18.66 8.36 -24.21
C LEU A 117 -18.25 9.44 -25.19
N ALA A 118 -17.02 9.92 -25.04
CA ALA A 118 -16.45 10.91 -25.94
C ALA A 118 -16.58 10.51 -27.40
N GLU A 119 -16.32 9.23 -27.73
CA GLU A 119 -16.38 8.82 -29.13
CA GLU A 119 -16.38 8.81 -29.13
CA GLU A 119 -16.40 8.75 -29.13
C GLU A 119 -17.84 8.80 -29.65
N LEU A 120 -18.80 8.77 -28.72
CA LEU A 120 -20.22 8.87 -29.07
C LEU A 120 -20.73 10.34 -29.13
N GLY A 121 -19.91 11.27 -28.68
CA GLY A 121 -20.29 12.70 -28.61
C GLY A 121 -20.92 13.14 -27.29
N ILE A 122 -20.78 12.32 -26.26
CA ILE A 122 -21.36 12.58 -24.94
C ILE A 122 -20.23 12.98 -23.99
N HIS A 123 -20.44 14.08 -23.25
CA HIS A 123 -19.44 14.57 -22.29
C HIS A 123 -19.64 13.87 -20.97
N PHE A 124 -18.51 13.51 -20.36
CA PHE A 124 -18.48 12.83 -19.08
C PHE A 124 -17.62 13.65 -18.10
N ILE A 125 -18.17 13.88 -16.91
CA ILE A 125 -17.46 14.57 -15.86
C ILE A 125 -17.48 13.63 -14.68
N GLY A 126 -16.30 13.22 -14.25
CA GLY A 126 -16.20 12.46 -13.03
C GLY A 126 -15.92 13.50 -11.99
N THR A 127 -16.78 13.56 -10.98
CA THR A 127 -16.58 14.52 -9.91
CA THR A 127 -16.65 14.54 -9.92
C THR A 127 -16.67 13.87 -8.53
N GLY A 128 -15.72 14.23 -7.69
CA GLY A 128 -15.78 13.85 -6.30
C GLY A 128 -16.69 14.81 -5.57
N VAL A 129 -17.42 14.27 -4.62
CA VAL A 129 -18.30 15.06 -3.78
CA VAL A 129 -18.30 15.06 -3.78
C VAL A 129 -17.97 14.69 -2.34
N SER A 130 -17.59 15.69 -1.54
CA SER A 130 -17.22 15.44 -0.17
C SER A 130 -18.05 16.22 0.84
N GLY A 131 -18.10 15.69 2.05
CA GLY A 131 -18.79 16.31 3.19
C GLY A 131 -19.72 15.40 3.95
N GLY A 132 -19.85 14.15 3.50
CA GLY A 132 -20.81 13.23 4.09
C GLY A 132 -22.23 13.65 3.72
N GLU A 133 -23.22 13.06 4.40
CA GLU A 133 -24.62 13.35 4.12
CA GLU A 133 -24.61 13.35 4.09
C GLU A 133 -24.94 14.81 4.39
N GLU A 134 -24.41 15.35 5.49
CA GLU A 134 -24.70 16.74 5.87
C GLU A 134 -24.12 17.73 4.85
N GLY A 135 -22.90 17.44 4.39
CA GLY A 135 -22.31 18.17 3.27
C GLY A 135 -23.12 18.12 1.97
N ALA A 136 -23.46 16.93 1.50
CA ALA A 136 -24.24 16.75 0.26
C ALA A 136 -25.50 17.61 0.26
N LEU A 137 -26.13 17.70 1.43
CA LEU A 137 -27.38 18.43 1.62
CA LEU A 137 -27.38 18.43 1.60
C LEU A 137 -27.16 19.94 1.70
N LYS A 138 -26.12 20.34 2.43
CA LYS A 138 -25.90 21.76 2.78
C LYS A 138 -24.79 22.49 2.00
N GLY A 139 -23.82 21.75 1.50
CA GLY A 139 -22.64 22.38 0.90
C GLY A 139 -21.47 21.44 0.87
N PRO A 140 -21.37 20.63 -0.21
CA PRO A 140 -20.21 19.77 -0.34
C PRO A 140 -19.05 20.48 -1.00
N SER A 141 -17.89 19.86 -0.97
CA SER A 141 -16.81 20.22 -1.87
C SER A 141 -17.02 19.43 -3.13
N ILE A 142 -16.92 20.07 -4.29
CA ILE A 142 -17.15 19.40 -5.57
C ILE A 142 -15.87 19.48 -6.39
N MET A 143 -15.40 18.30 -6.83
CA MET A 143 -14.07 18.15 -7.42
C MET A 143 -14.17 17.56 -8.81
N PRO A 144 -14.55 18.38 -9.81
CA PRO A 144 -14.88 17.84 -11.12
C PRO A 144 -13.72 17.81 -12.11
N GLY A 145 -13.64 16.72 -12.87
CA GLY A 145 -12.69 16.59 -13.98
C GLY A 145 -13.40 16.07 -15.20
N GLY A 146 -12.86 16.40 -16.36
CA GLY A 146 -13.42 16.00 -17.63
C GLY A 146 -13.12 17.06 -18.67
N GLN A 147 -13.96 17.11 -19.71
CA GLN A 147 -13.84 18.11 -20.76
CA GLN A 147 -13.79 18.11 -20.76
C GLN A 147 -14.11 19.50 -20.20
N LYS A 148 -13.21 20.45 -20.46
CA LYS A 148 -13.35 21.80 -19.91
C LYS A 148 -14.65 22.47 -20.36
N GLU A 149 -14.98 22.33 -21.64
CA GLU A 149 -16.19 22.93 -22.18
C GLU A 149 -17.42 22.34 -21.52
N ALA A 150 -17.39 21.04 -21.24
CA ALA A 150 -18.48 20.33 -20.54
C ALA A 150 -18.63 20.85 -19.12
N HIS A 151 -17.49 21.08 -18.48
CA HIS A 151 -17.47 21.61 -17.13
C HIS A 151 -18.10 23.00 -17.06
N GLU A 152 -17.79 23.84 -18.04
CA GLU A 152 -18.30 25.20 -18.09
C GLU A 152 -19.82 25.25 -18.12
N LEU A 153 -20.43 24.23 -18.71
CA LEU A 153 -21.89 24.12 -18.75
C LEU A 153 -22.49 23.73 -17.41
N VAL A 154 -21.74 23.00 -16.59
CA VAL A 154 -22.22 22.47 -15.30
CA VAL A 154 -22.26 22.52 -15.31
C VAL A 154 -21.67 23.28 -14.12
N ARG A 155 -20.66 24.11 -14.39
CA ARG A 155 -20.00 24.96 -13.38
C ARG A 155 -20.97 25.81 -12.54
N PRO A 156 -21.94 26.49 -13.19
CA PRO A 156 -22.84 27.32 -12.40
C PRO A 156 -23.67 26.54 -11.38
N ILE A 157 -24.02 25.29 -11.69
CA ILE A 157 -24.73 24.45 -10.73
CA ILE A 157 -24.72 24.44 -10.74
C ILE A 157 -23.79 24.01 -9.60
N PHE A 158 -22.60 23.55 -9.95
CA PHE A 158 -21.61 23.15 -8.94
C PHE A 158 -21.33 24.31 -7.98
N GLU A 159 -21.09 25.49 -8.52
CA GLU A 159 -20.84 26.68 -7.69
C GLU A 159 -22.05 27.06 -6.81
N ALA A 160 -23.25 26.85 -7.35
CA ALA A 160 -24.50 27.11 -6.63
C ALA A 160 -24.61 26.24 -5.38
N ILE A 161 -24.41 24.92 -5.55
CA ILE A 161 -24.61 23.98 -4.43
C ILE A 161 -23.38 23.78 -3.53
N ALA A 162 -22.18 24.09 -4.02
CA ALA A 162 -20.96 23.87 -3.21
C ALA A 162 -20.95 24.74 -1.97
N ALA A 163 -20.24 24.28 -0.95
CA ALA A 163 -19.95 25.10 0.23
C ALA A 163 -19.18 26.37 -0.16
N LYS A 164 -19.38 27.43 0.61
CA LYS A 164 -18.62 28.67 0.47
C LYS A 164 -17.80 29.00 1.71
N VAL A 165 -16.53 29.31 1.50
CA VAL A 165 -15.67 29.82 2.55
CA VAL A 165 -15.63 29.80 2.54
C VAL A 165 -15.32 31.25 2.19
N ASP A 166 -15.78 32.19 3.03
CA ASP A 166 -15.57 33.62 2.81
C ASP A 166 -15.92 34.03 1.40
N GLY A 167 -17.12 33.65 0.96
CA GLY A 167 -17.65 34.07 -0.32
C GLY A 167 -17.14 33.29 -1.52
N GLU A 168 -16.29 32.30 -1.27
CA GLU A 168 -15.62 31.58 -2.34
CA GLU A 168 -15.60 31.57 -2.32
C GLU A 168 -16.05 30.10 -2.41
N PRO A 169 -16.71 29.72 -3.52
CA PRO A 169 -17.12 28.32 -3.77
C PRO A 169 -16.03 27.23 -3.63
N CYS A 170 -16.33 26.17 -2.90
CA CYS A 170 -15.43 25.05 -2.76
C CYS A 170 -15.54 24.08 -3.95
N THR A 171 -15.29 24.61 -5.15
CA THR A 171 -15.25 23.81 -6.38
C THR A 171 -14.38 24.57 -7.39
N THR A 172 -13.75 23.83 -8.29
CA THR A 172 -12.98 24.42 -9.36
C THR A 172 -12.80 23.35 -10.42
N TYR A 173 -12.55 23.72 -11.66
CA TYR A 173 -12.12 22.73 -12.67
C TYR A 173 -10.80 22.12 -12.24
N ILE A 174 -10.78 20.81 -12.02
CA ILE A 174 -9.59 20.13 -11.56
CA ILE A 174 -9.59 20.13 -11.55
C ILE A 174 -8.66 19.83 -12.74
N GLY A 175 -9.11 19.01 -13.67
CA GLY A 175 -8.30 18.67 -14.83
C GLY A 175 -9.09 17.72 -15.72
N PRO A 176 -8.44 17.19 -16.77
CA PRO A 176 -9.18 16.31 -17.67
C PRO A 176 -9.47 14.91 -17.12
N ASP A 177 -10.30 14.19 -17.86
CA ASP A 177 -10.68 12.81 -17.58
C ASP A 177 -10.92 12.51 -16.09
N GLY A 178 -10.00 11.79 -15.44
CA GLY A 178 -10.23 11.30 -14.10
C GLY A 178 -9.58 12.11 -13.01
N ALA A 179 -9.18 13.35 -13.30
CA ALA A 179 -8.41 14.14 -12.30
C ALA A 179 -9.23 14.48 -11.05
N GLY A 180 -10.54 14.61 -11.21
CA GLY A 180 -11.41 14.96 -10.09
C GLY A 180 -11.56 13.82 -9.12
N HIS A 181 -11.87 12.65 -9.67
CA HIS A 181 -11.95 11.45 -8.85
C HIS A 181 -10.61 11.06 -8.26
N TYR A 182 -9.53 11.40 -8.94
CA TYR A 182 -8.21 11.22 -8.36
C TYR A 182 -8.00 12.07 -7.12
N VAL A 183 -8.30 13.37 -7.22
CA VAL A 183 -8.18 14.29 -6.07
C VAL A 183 -9.11 13.92 -4.90
N LYS A 184 -10.30 13.43 -5.24
CA LYS A 184 -11.24 12.90 -4.26
C LYS A 184 -10.64 11.69 -3.53
N MET A 185 -10.04 10.78 -4.27
CA MET A 185 -9.29 9.67 -3.67
C MET A 185 -8.23 10.17 -2.68
N VAL A 186 -7.37 11.06 -3.13
CA VAL A 186 -6.31 11.55 -2.26
C VAL A 186 -6.90 12.23 -1.04
N HIS A 187 -7.98 13.00 -1.21
CA HIS A 187 -8.70 13.57 -0.08
C HIS A 187 -9.12 12.53 0.96
N ASN A 188 -9.63 11.39 0.49
CA ASN A 188 -10.04 10.32 1.38
CA ASN A 188 -10.04 10.27 1.35
C ASN A 188 -8.84 9.66 2.07
N GLY A 189 -7.70 9.63 1.40
CA GLY A 189 -6.46 9.14 1.99
C GLY A 189 -6.12 10.04 3.15
N ILE A 190 -5.96 11.33 2.86
CA ILE A 190 -5.57 12.33 3.85
C ILE A 190 -6.47 12.29 5.10
N GLU A 191 -7.75 12.04 4.88
CA GLU A 191 -8.76 11.93 5.94
C GLU A 191 -8.49 10.76 6.88
N TYR A 192 -8.11 9.62 6.32
CA TYR A 192 -7.78 8.46 7.11
C TYR A 192 -6.57 8.84 7.96
N GLY A 193 -5.58 9.45 7.31
CA GLY A 193 -4.38 9.94 8.00
C GLY A 193 -4.67 10.83 9.18
N ASP A 194 -5.55 11.81 9.00
CA ASP A 194 -5.84 12.82 10.02
C ASP A 194 -6.51 12.20 11.23
N MET A 195 -7.45 11.30 10.98
CA MET A 195 -8.16 10.58 12.03
C MET A 195 -7.25 9.66 12.83
N GLN A 196 -6.30 9.00 12.16
CA GLN A 196 -5.33 8.16 12.86
C GLN A 196 -4.43 8.99 13.79
N LEU A 197 -3.90 10.10 13.28
CA LEU A 197 -3.01 10.97 14.07
C LEU A 197 -3.76 11.58 15.27
N ILE A 198 -5.07 11.79 15.11
CA ILE A 198 -5.88 12.35 16.20
C ILE A 198 -6.02 11.27 17.27
N ALA A 199 -6.34 10.06 16.81
CA ALA A 199 -6.41 8.85 17.66
C ALA A 199 -5.14 8.63 18.45
N GLU A 200 -4.00 8.79 17.78
CA GLU A 200 -2.73 8.65 18.49
C GLU A 200 -2.61 9.68 19.59
N ALA A 201 -2.94 10.94 19.28
CA ALA A 201 -2.87 12.02 20.25
C ALA A 201 -3.76 11.71 21.47
N TYR A 202 -4.98 11.31 21.18
CA TYR A 202 -5.93 10.83 22.18
C TYR A 202 -5.37 9.66 23.04
N PHE A 203 -4.82 8.65 22.38
CA PHE A 203 -4.35 7.46 23.07
C PHE A 203 -3.18 7.81 23.97
N LEU A 204 -2.33 8.73 23.52
CA LEU A 204 -1.19 9.20 24.30
C LEU A 204 -1.64 9.93 25.56
N LEU A 205 -2.56 10.87 25.41
CA LEU A 205 -3.09 11.59 26.54
C LEU A 205 -3.77 10.62 27.50
N LYS A 206 -4.55 9.71 26.96
CA LYS A 206 -5.26 8.72 27.76
C LYS A 206 -4.32 7.86 28.62
N HIS A 207 -3.21 7.41 28.04
CA HIS A 207 -2.35 6.42 28.70
C HIS A 207 -1.07 6.99 29.34
N VAL A 208 -0.62 8.14 28.88
CA VAL A 208 0.55 8.77 29.50
C VAL A 208 0.12 9.67 30.64
N LEU A 209 -0.96 10.41 30.41
CA LEU A 209 -1.45 11.40 31.35
C LEU A 209 -2.66 10.90 32.14
N GLY A 210 -3.27 9.81 31.70
CA GLY A 210 -4.41 9.23 32.45
C GLY A 210 -5.70 10.01 32.28
N MET A 211 -5.80 10.70 31.15
CA MET A 211 -6.89 11.65 30.92
C MET A 211 -8.24 10.93 30.77
N ASP A 212 -9.30 11.49 31.36
CA ASP A 212 -10.66 10.93 31.18
C ASP A 212 -11.41 11.80 30.16
N ALA A 213 -12.65 11.41 29.84
CA ALA A 213 -13.39 12.04 28.74
C ALA A 213 -13.50 13.57 28.87
N ALA A 214 -13.74 14.03 30.11
CA ALA A 214 -13.91 15.46 30.41
C ALA A 214 -12.67 16.26 30.03
N GLU A 215 -11.51 15.81 30.52
CA GLU A 215 -10.24 16.49 30.30
CA GLU A 215 -10.26 16.53 30.28
C GLU A 215 -9.82 16.42 28.81
N LEU A 216 -10.11 15.28 28.18
CA LEU A 216 -9.80 15.09 26.75
C LEU A 216 -10.54 16.12 25.90
N HIS A 217 -11.84 16.25 26.15
CA HIS A 217 -12.64 17.30 25.54
C HIS A 217 -12.04 18.71 25.71
N GLU A 218 -11.62 19.04 26.93
CA GLU A 218 -11.05 20.37 27.21
C GLU A 218 -9.75 20.60 26.41
N VAL A 219 -8.94 19.55 26.28
CA VAL A 219 -7.70 19.63 25.51
C VAL A 219 -8.00 19.85 24.02
N PHE A 220 -8.86 19.04 23.44
CA PHE A 220 -9.22 19.17 22.02
C PHE A 220 -10.00 20.45 21.71
N ALA A 221 -10.91 20.84 22.62
CA ALA A 221 -11.61 22.12 22.47
C ALA A 221 -10.62 23.28 22.42
N ASP A 222 -9.63 23.24 23.33
CA ASP A 222 -8.60 24.27 23.40
CA ASP A 222 -8.62 24.29 23.38
C ASP A 222 -7.71 24.25 22.14
N TRP A 223 -7.41 23.05 21.64
CA TRP A 223 -6.61 22.90 20.42
C TRP A 223 -7.30 23.48 19.19
N ASN A 224 -8.63 23.37 19.15
CA ASN A 224 -9.42 23.83 18.02
C ASN A 224 -9.53 25.35 17.90
N LYS A 225 -9.08 26.09 18.92
CA LYS A 225 -9.06 27.55 18.86
C LYS A 225 -7.70 28.02 18.37
N GLY A 226 -6.79 27.08 18.15
CA GLY A 226 -5.45 27.41 17.67
C GLY A 226 -5.23 27.00 16.22
N GLU A 227 -3.96 26.76 15.88
CA GLU A 227 -3.58 26.41 14.53
C GLU A 227 -4.14 25.09 14.02
N LEU A 228 -4.48 24.18 14.93
CA LEU A 228 -5.16 22.92 14.58
C LEU A 228 -6.67 23.07 14.26
N ASN A 229 -7.21 24.28 14.39
CA ASN A 229 -8.62 24.52 14.06
C ASN A 229 -9.06 23.74 12.83
N SER A 230 -10.07 22.88 13.00
CA SER A 230 -10.54 21.99 11.95
C SER A 230 -11.83 21.29 12.31
N TYR A 231 -12.52 20.81 11.30
CA TYR A 231 -13.76 20.05 11.50
C TYR A 231 -13.55 18.76 12.31
N LEU A 232 -12.49 18.00 12.02
CA LEU A 232 -12.23 16.74 12.72
CA LEU A 232 -12.26 16.74 12.72
C LEU A 232 -11.91 16.95 14.20
N ILE A 233 -11.19 18.03 14.52
CA ILE A 233 -10.83 18.29 15.91
C ILE A 233 -12.01 18.86 16.68
N GLU A 234 -12.80 19.68 15.98
CA GLU A 234 -14.07 20.17 16.50
C GLU A 234 -15.02 19.02 16.82
N ILE A 235 -15.27 18.13 15.86
CA ILE A 235 -16.16 17.00 16.15
C ILE A 235 -15.56 16.07 17.19
N THR A 236 -14.24 15.94 17.22
CA THR A 236 -13.58 15.14 18.25
C THR A 236 -13.89 15.67 19.64
N ALA A 237 -13.73 16.97 19.82
CA ALA A 237 -13.97 17.63 21.10
C ALA A 237 -15.45 17.50 21.49
N ASP A 238 -16.33 17.48 20.51
CA ASP A 238 -17.76 17.29 20.77
C ASP A 238 -18.03 15.83 21.17
N ILE A 239 -17.52 14.88 20.40
CA ILE A 239 -17.70 13.45 20.72
C ILE A 239 -17.40 13.10 22.20
N PHE A 240 -16.37 13.72 22.79
CA PHE A 240 -15.94 13.44 24.18
C PHE A 240 -16.88 14.04 25.24
N THR A 241 -17.82 14.89 24.81
CA THR A 241 -18.85 15.45 25.68
C THR A 241 -20.11 14.58 25.79
N LYS A 242 -20.28 13.63 24.88
CA LYS A 242 -21.49 12.80 24.84
C LYS A 242 -21.43 11.70 25.89
N ILE A 243 -22.54 11.48 26.56
CA ILE A 243 -22.67 10.44 27.60
C ILE A 243 -23.68 9.39 27.13
N ASP A 244 -23.16 8.06 27.17
CA ASP A 244 -24.10 6.97 26.84
C ASP A 244 -25.36 7.01 27.74
N GLU A 245 -26.51 6.62 27.16
CA GLU A 245 -27.84 6.85 27.75
C GLU A 245 -28.29 5.90 28.84
N GLU A 246 -27.49 4.88 29.16
CA GLU A 246 -27.93 3.82 30.11
C GLU A 246 -26.90 3.37 31.17
N THR A 247 -25.62 3.43 30.84
CA THR A 247 -24.52 3.07 31.73
C THR A 247 -24.15 4.26 32.51
N GLY A 248 -24.25 5.51 32.01
CA GLY A 248 -23.70 6.70 32.64
C GLY A 248 -22.27 7.01 32.23
N LYS A 249 -21.55 6.05 31.63
CA LYS A 249 -20.20 6.34 31.06
C LYS A 249 -20.32 7.16 29.79
N PRO A 250 -19.15 7.75 29.35
CA PRO A 250 -19.12 8.44 28.05
C PRO A 250 -19.36 7.43 26.95
N LEU A 251 -20.11 7.86 25.91
CA LEU A 251 -20.44 6.97 24.79
C LEU A 251 -19.19 6.43 24.10
N VAL A 252 -18.19 7.28 23.89
CA VAL A 252 -16.98 6.87 23.16
C VAL A 252 -16.25 5.69 23.84
N ASP A 253 -16.40 5.56 25.16
CA ASP A 253 -15.80 4.42 25.86
C ASP A 253 -16.69 3.18 25.76
N VAL A 254 -17.91 3.36 25.30
CA VAL A 254 -18.83 2.27 25.08
C VAL A 254 -18.67 1.68 23.68
N ILE A 255 -17.96 2.40 22.80
CA ILE A 255 -17.86 2.02 21.38
C ILE A 255 -16.74 1.02 21.14
N LEU A 256 -17.07 -0.04 20.42
CA LEU A 256 -16.14 -1.10 20.08
C LEU A 256 -15.04 -0.56 19.17
N ASP A 257 -13.79 -0.85 19.53
CA ASP A 257 -12.61 -0.34 18.84
C ASP A 257 -12.24 -1.21 17.62
N LYS A 258 -13.20 -1.40 16.72
CA LYS A 258 -13.01 -2.06 15.43
C LYS A 258 -13.33 -1.03 14.35
N ALA A 259 -12.30 -0.39 13.81
CA ALA A 259 -12.46 0.63 12.79
C ALA A 259 -12.87 0.00 11.46
N GLY A 260 -14.10 0.26 11.05
CA GLY A 260 -14.54 -0.05 9.70
C GLY A 260 -13.87 0.86 8.70
N GLN A 261 -13.98 0.49 7.44
CA GLN A 261 -13.55 1.34 6.35
C GLN A 261 -14.16 0.81 5.07
N LYS A 262 -14.49 1.71 4.15
CA LYS A 262 -14.97 1.29 2.83
C LYS A 262 -13.79 0.68 2.07
N GLY A 263 -14.13 -0.09 1.04
CA GLY A 263 -13.13 -0.65 0.16
C GLY A 263 -12.40 0.39 -0.66
N THR A 264 -12.86 1.64 -0.64
CA THR A 264 -12.15 2.72 -1.32
C THR A 264 -10.98 3.29 -0.49
N GLY A 265 -10.92 2.95 0.81
CA GLY A 265 -9.88 3.51 1.72
C GLY A 265 -8.41 3.20 1.43
N LYS A 266 -8.18 2.12 0.70
CA LYS A 266 -6.84 1.64 0.33
C LYS A 266 -6.30 2.20 -1.00
N TRP A 267 -7.15 2.83 -1.80
CA TRP A 267 -6.77 3.29 -3.14
C TRP A 267 -5.64 4.28 -3.15
N THR A 268 -5.70 5.29 -2.28
CA THR A 268 -4.63 6.27 -2.25
C THR A 268 -3.29 5.56 -2.08
N SER A 269 -3.19 4.74 -1.05
CA SER A 269 -1.94 3.95 -0.81
C SER A 269 -1.55 3.05 -1.94
N GLN A 270 -2.51 2.37 -2.56
CA GLN A 270 -2.27 1.50 -3.71
C GLN A 270 -1.75 2.30 -4.91
N ASN A 271 -2.36 3.46 -5.21
CA ASN A 271 -1.85 4.25 -6.32
CA ASN A 271 -1.88 4.31 -6.30
C ASN A 271 -0.49 4.87 -6.00
N ALA A 272 -0.25 5.22 -4.74
CA ALA A 272 1.10 5.69 -4.35
C ALA A 272 2.18 4.66 -4.68
N LEU A 273 1.89 3.40 -4.43
CA LEU A 273 2.79 2.29 -4.78
CA LEU A 273 2.83 2.34 -4.77
C LEU A 273 2.99 2.26 -6.30
N ASP A 274 1.92 2.45 -7.04
CA ASP A 274 2.00 2.48 -8.49
C ASP A 274 2.91 3.59 -9.04
N LEU A 275 2.82 4.77 -8.45
CA LEU A 275 3.57 5.95 -8.88
C LEU A 275 4.99 6.07 -8.34
N GLY A 276 5.32 5.36 -7.29
CA GLY A 276 6.65 5.50 -6.71
C GLY A 276 6.78 6.66 -5.75
N VAL A 277 5.68 7.00 -5.10
CA VAL A 277 5.71 8.08 -4.09
CA VAL A 277 5.63 8.09 -4.10
C VAL A 277 5.58 7.53 -2.67
N PRO A 278 6.46 8.00 -1.77
CA PRO A 278 6.35 7.57 -0.38
C PRO A 278 5.12 8.12 0.35
N LEU A 279 4.24 7.22 0.79
CA LEU A 279 2.99 7.60 1.48
C LEU A 279 2.85 6.87 2.82
N PRO A 280 3.88 6.95 3.66
CA PRO A 280 3.93 6.15 4.86
C PRO A 280 2.80 6.37 5.87
N ILE A 281 2.47 7.63 6.13
CA ILE A 281 1.52 7.99 7.21
C ILE A 281 0.10 7.56 6.86
N ILE A 282 -0.37 7.91 5.68
CA ILE A 282 -1.71 7.47 5.26
C ILE A 282 -1.76 5.93 5.20
N THR A 283 -0.71 5.31 4.69
CA THR A 283 -0.71 3.86 4.58
C THR A 283 -0.75 3.16 5.93
N GLU A 284 0.02 3.67 6.90
CA GLU A 284 0.00 3.14 8.27
C GLU A 284 -1.36 3.29 8.86
N SER A 285 -2.04 4.38 8.52
CA SER A 285 -3.37 4.63 9.02
C SER A 285 -4.37 3.59 8.52
N VAL A 286 -4.20 3.17 7.27
CA VAL A 286 -5.09 2.18 6.69
C VAL A 286 -4.83 0.84 7.39
N PHE A 287 -3.54 0.50 7.57
CA PHE A 287 -3.14 -0.75 8.25
C PHE A 287 -3.55 -0.74 9.71
N ALA A 288 -3.55 0.45 10.31
CA ALA A 288 -4.03 0.63 11.67
C ALA A 288 -5.50 0.28 11.75
N ARG A 289 -6.27 0.60 10.72
CA ARG A 289 -7.68 0.21 10.70
C ARG A 289 -7.88 -1.30 10.58
N PHE A 290 -7.09 -1.93 9.72
CA PHE A 290 -7.10 -3.39 9.58
C PHE A 290 -6.75 -4.09 10.89
N LEU A 291 -5.74 -3.57 11.60
CA LEU A 291 -5.28 -4.15 12.86
CA LEU A 291 -5.30 -4.17 12.85
C LEU A 291 -6.36 -4.05 13.94
N SER A 292 -7.05 -2.91 13.97
CA SER A 292 -8.14 -2.69 14.90
C SER A 292 -9.31 -3.62 14.61
N ALA A 293 -9.52 -3.95 13.33
CA ALA A 293 -10.57 -4.88 12.92
C ALA A 293 -10.30 -6.30 13.41
N MET A 294 -9.05 -6.58 13.77
CA MET A 294 -8.66 -7.92 14.25
C MET A 294 -8.76 -7.99 15.78
N LYS A 295 -9.90 -7.57 16.30
CA LYS A 295 -10.10 -7.38 17.74
C LYS A 295 -9.85 -8.66 18.53
N ASP A 296 -10.47 -9.74 18.09
CA ASP A 296 -10.31 -11.04 18.73
C ASP A 296 -8.86 -11.49 18.83
N GLU A 297 -8.07 -11.24 17.79
CA GLU A 297 -6.65 -11.58 17.84
C GLU A 297 -5.92 -10.71 18.86
N ARG A 298 -6.32 -9.45 18.95
CA ARG A 298 -5.67 -8.52 19.85
C ARG A 298 -5.96 -8.86 21.32
N VAL A 299 -7.23 -9.12 21.65
CA VAL A 299 -7.57 -9.41 23.08
C VAL A 299 -6.86 -10.68 23.55
N LYS A 300 -6.85 -11.71 22.72
CA LYS A 300 -6.03 -12.91 22.94
C LYS A 300 -4.52 -12.58 23.06
N ALA A 301 -4.00 -11.77 22.15
CA ALA A 301 -2.57 -11.44 22.19
C ALA A 301 -2.20 -10.74 23.50
N SER A 302 -3.06 -9.81 23.93
CA SER A 302 -2.81 -9.00 25.14
C SER A 302 -2.53 -9.81 26.41
N LYS A 303 -3.03 -11.04 26.43
CA LYS A 303 -2.94 -11.92 27.59
C LYS A 303 -1.64 -12.72 27.64
N VAL A 304 -0.91 -12.78 26.52
CA VAL A 304 0.36 -13.55 26.44
C VAL A 304 1.60 -12.74 26.04
N LEU A 305 1.42 -11.65 25.31
CA LEU A 305 2.58 -10.84 24.92
C LEU A 305 2.87 -9.75 25.96
N ALA A 306 4.09 -9.79 26.52
CA ALA A 306 4.52 -8.80 27.51
C ALA A 306 4.82 -7.42 26.90
N GLY A 307 4.36 -6.36 27.56
CA GLY A 307 4.82 -4.99 27.29
C GLY A 307 5.98 -4.65 28.21
N PRO A 308 6.49 -3.41 28.15
CA PRO A 308 7.56 -2.97 29.03
C PRO A 308 7.06 -2.63 30.44
N ALA A 309 8.00 -2.55 31.39
CA ALA A 309 7.70 -2.08 32.76
C ALA A 309 7.68 -0.57 32.73
N VAL A 310 6.65 0.03 33.30
CA VAL A 310 6.43 1.48 33.15
C VAL A 310 5.87 2.08 34.44
N LYS A 311 6.76 2.61 35.28
CA LYS A 311 6.36 3.39 36.45
C LYS A 311 5.55 4.61 35.99
N PRO A 312 4.64 5.13 36.84
CA PRO A 312 3.74 6.18 36.35
C PRO A 312 4.47 7.42 35.86
N PHE A 313 3.89 8.09 34.86
CA PHE A 313 4.51 9.28 34.28
C PHE A 313 4.52 10.42 35.27
N GLU A 314 5.66 11.10 35.36
CA GLU A 314 5.81 12.25 36.24
C GLU A 314 6.73 13.29 35.61
N GLY A 315 6.48 13.60 34.36
CA GLY A 315 6.98 14.82 33.73
C GLY A 315 6.02 15.96 34.01
N ASP A 316 6.25 17.12 33.40
CA ASP A 316 5.31 18.23 33.47
C ASP A 316 4.09 17.90 32.59
N ARG A 317 2.91 18.00 33.19
CA ARG A 317 1.66 17.65 32.52
CA ARG A 317 1.63 17.68 32.54
C ARG A 317 1.37 18.60 31.34
N ALA A 318 1.55 19.90 31.57
CA ALA A 318 1.28 20.93 30.56
C ALA A 318 2.23 20.85 29.37
N HIS A 319 3.51 20.63 29.68
CA HIS A 319 4.53 20.43 28.64
C HIS A 319 4.23 19.24 27.77
N PHE A 320 3.74 18.16 28.37
CA PHE A 320 3.49 16.95 27.62
C PHE A 320 2.30 17.12 26.70
N ILE A 321 1.23 17.74 27.19
CA ILE A 321 0.08 18.09 26.34
C ILE A 321 0.52 18.94 25.13
N GLU A 322 1.40 19.91 25.35
CA GLU A 322 1.90 20.75 24.28
C GLU A 322 2.78 19.93 23.32
N ALA A 323 3.54 18.99 23.85
CA ALA A 323 4.38 18.10 23.01
C ALA A 323 3.52 17.25 22.11
N VAL A 324 2.40 16.74 22.64
CA VAL A 324 1.48 15.95 21.82
C VAL A 324 0.86 16.82 20.74
N ARG A 325 0.45 18.03 21.11
CA ARG A 325 -0.20 18.94 20.16
C ARG A 325 0.71 19.26 19.00
N ARG A 326 1.93 19.63 19.34
CA ARG A 326 2.93 19.89 18.35
C ARG A 326 3.24 18.68 17.51
N ALA A 327 3.32 17.49 18.13
CA ALA A 327 3.60 16.24 17.40
C ALA A 327 2.55 16.01 16.36
N LEU A 328 1.31 16.28 16.75
CA LEU A 328 0.18 16.08 15.86
C LEU A 328 0.19 17.06 14.65
N TYR A 329 0.51 18.33 14.89
CA TYR A 329 0.51 19.33 13.83
C TYR A 329 1.62 19.00 12.84
N MET A 330 2.83 18.79 13.37
CA MET A 330 3.94 18.41 12.51
C MET A 330 3.64 17.16 11.70
N SER A 331 3.11 16.12 12.34
CA SER A 331 2.77 14.86 11.66
C SER A 331 1.70 15.06 10.58
N LYS A 332 0.76 15.93 10.86
CA LYS A 332 -0.29 16.28 9.89
C LYS A 332 0.34 16.95 8.67
N ILE A 333 1.29 17.87 8.93
CA ILE A 333 2.03 18.57 7.90
C ILE A 333 2.80 17.59 7.01
N CYS A 334 3.48 16.64 7.65
CA CYS A 334 4.19 15.59 6.91
C CYS A 334 3.23 14.78 6.05
N SER A 335 2.07 14.42 6.57
CA SER A 335 1.07 13.66 5.82
C SER A 335 0.56 14.36 4.58
N TYR A 336 0.26 15.66 4.70
CA TYR A 336 -0.23 16.47 3.56
C TYR A 336 0.91 16.72 2.57
N ALA A 337 2.13 16.90 3.11
CA ALA A 337 3.34 17.04 2.27
C ALA A 337 3.47 15.85 1.35
N GLN A 338 3.28 14.66 1.90
CA GLN A 338 3.21 13.41 1.12
C GLN A 338 2.05 13.32 0.14
N GLY A 339 0.84 13.61 0.63
CA GLY A 339 -0.34 13.61 -0.22
C GLY A 339 -0.27 14.57 -1.40
N PHE A 340 0.25 15.75 -1.16
CA PHE A 340 0.37 16.73 -2.23
C PHE A 340 1.48 16.39 -3.20
N ALA A 341 2.52 15.74 -2.71
CA ALA A 341 3.55 15.15 -3.56
C ALA A 341 2.94 14.06 -4.44
N GLN A 342 2.05 13.25 -3.89
CA GLN A 342 1.41 12.21 -4.71
C GLN A 342 0.62 12.84 -5.84
N MET A 343 -0.20 13.84 -5.53
CA MET A 343 -0.96 14.54 -6.57
C MET A 343 -0.06 15.17 -7.67
N LYS A 344 1.13 15.63 -7.30
CA LYS A 344 2.05 16.20 -8.27
C LYS A 344 2.52 15.11 -9.23
N ALA A 345 3.02 14.04 -8.66
CA ALA A 345 3.45 12.87 -9.40
C ALA A 345 2.37 12.40 -10.35
N ALA A 346 1.14 12.30 -9.86
CA ALA A 346 0.00 11.91 -10.72
C ALA A 346 -0.25 12.90 -11.84
N SER A 347 -0.15 14.18 -11.52
CA SER A 347 -0.33 15.20 -12.53
C SER A 347 0.70 15.04 -13.64
N GLU A 348 1.94 14.72 -13.28
CA GLU A 348 3.01 14.47 -14.26
C GLU A 348 2.71 13.22 -15.09
N GLU A 349 2.33 12.14 -14.42
CA GLU A 349 2.06 10.88 -15.09
C GLU A 349 0.96 11.02 -16.14
N TYR A 350 -0.13 11.68 -15.78
CA TYR A 350 -1.37 11.68 -16.56
C TYR A 350 -1.62 12.96 -17.32
N ASN A 351 -0.70 13.93 -17.15
CA ASN A 351 -0.71 15.21 -17.87
C ASN A 351 -1.92 16.07 -17.53
N TRP A 352 -2.19 16.19 -16.23
CA TRP A 352 -3.37 16.88 -15.75
C TRP A 352 -3.18 18.37 -15.47
N ASN A 353 -1.94 18.85 -15.36
CA ASN A 353 -1.67 20.24 -14.97
C ASN A 353 -2.45 20.70 -13.75
N LEU A 354 -2.37 19.91 -12.68
CA LEU A 354 -3.10 20.22 -11.45
C LEU A 354 -2.64 21.58 -10.88
N ARG A 355 -3.59 22.36 -10.35
CA ARG A 355 -3.30 23.61 -9.66
CA ARG A 355 -3.28 23.61 -9.66
C ARG A 355 -3.47 23.36 -8.16
N TYR A 356 -2.35 23.18 -7.45
CA TYR A 356 -2.34 22.67 -6.05
C TYR A 356 -2.90 23.63 -5.02
N GLY A 357 -2.74 24.94 -5.25
CA GLY A 357 -3.36 25.97 -4.40
C GLY A 357 -4.88 25.96 -4.53
N ASP A 358 -5.35 25.77 -5.76
CA ASP A 358 -6.77 25.67 -6.02
C ASP A 358 -7.36 24.46 -5.38
N ILE A 359 -6.60 23.37 -5.36
CA ILE A 359 -7.04 22.11 -4.75
C ILE A 359 -7.17 22.34 -3.25
N ALA A 360 -6.17 22.97 -2.66
CA ALA A 360 -6.16 23.21 -1.24
C ALA A 360 -7.33 24.12 -0.89
N MET A 361 -7.61 25.08 -1.78
CA MET A 361 -8.73 26.02 -1.61
CA MET A 361 -8.74 26.01 -1.62
C MET A 361 -10.08 25.31 -1.49
N ILE A 362 -10.28 24.23 -2.26
CA ILE A 362 -11.59 23.56 -2.24
C ILE A 362 -11.72 22.52 -1.14
N PHE A 363 -10.59 22.13 -0.56
CA PHE A 363 -10.59 21.31 0.66
C PHE A 363 -10.90 22.13 1.92
N ARG A 364 -11.05 23.43 1.72
CA ARG A 364 -11.13 24.43 2.79
CA ARG A 364 -11.10 24.38 2.85
C ARG A 364 -12.48 24.45 3.47
N GLY A 365 -13.51 24.01 2.72
CA GLY A 365 -14.86 23.91 3.21
C GLY A 365 -15.61 22.78 2.54
N GLY A 366 -16.68 22.33 3.15
CA GLY A 366 -17.48 21.26 2.59
C GLY A 366 -16.92 19.89 2.91
N CYS A 367 -15.62 19.71 2.65
CA CYS A 367 -15.04 18.38 2.83
CA CYS A 367 -14.90 18.44 2.84
C CYS A 367 -14.72 18.08 4.29
N ILE A 368 -14.50 16.79 4.58
CA ILE A 368 -14.30 16.28 5.95
C ILE A 368 -12.95 16.70 6.56
N ILE A 369 -11.93 16.85 5.72
CA ILE A 369 -10.61 17.30 6.18
C ILE A 369 -10.44 18.83 6.29
N ARG A 370 -11.51 19.58 6.10
CA ARG A 370 -11.46 21.04 6.15
C ARG A 370 -10.87 21.59 7.44
N ALA A 371 -10.08 22.66 7.29
CA ALA A 371 -9.20 23.14 8.35
C ALA A 371 -8.51 24.44 7.92
N GLN A 372 -8.18 25.29 8.89
CA GLN A 372 -7.54 26.58 8.62
C GLN A 372 -6.20 26.41 7.93
N PHE A 373 -5.49 25.42 8.42
CA PHE A 373 -4.26 24.86 7.87
C PHE A 373 -4.20 24.86 6.32
N LEU A 374 -5.32 24.59 5.67
CA LEU A 374 -5.37 24.52 4.21
CA LEU A 374 -5.36 24.52 4.20
C LEU A 374 -5.06 25.87 3.56
N GLN A 375 -5.36 26.96 4.28
CA GLN A 375 -4.99 28.32 3.84
CA GLN A 375 -5.00 28.30 3.80
C GLN A 375 -3.47 28.47 3.65
N LYS A 376 -2.69 27.85 4.52
CA LYS A 376 -1.23 27.98 4.46
C LYS A 376 -0.66 27.15 3.30
N ILE A 377 -1.40 26.11 2.90
CA ILE A 377 -1.03 25.27 1.77
C ILE A 377 -1.28 26.07 0.50
N LYS A 378 -2.47 26.65 0.35
CA LYS A 378 -2.71 27.61 -0.73
C LYS A 378 -1.64 28.70 -0.75
N GLU A 379 -1.41 29.34 0.38
CA GLU A 379 -0.38 30.38 0.43
C GLU A 379 0.95 29.86 -0.15
N ALA A 380 1.31 28.62 0.19
CA ALA A 380 2.50 27.97 -0.30
C ALA A 380 2.56 27.88 -1.82
N TYR A 381 1.47 27.40 -2.43
CA TYR A 381 1.43 27.28 -3.88
C TYR A 381 1.19 28.61 -4.58
N ASP A 382 0.62 29.59 -3.86
CA ASP A 382 0.61 30.99 -4.35
C ASP A 382 2.04 31.43 -4.62
N ARG A 383 2.88 31.26 -3.60
CA ARG A 383 4.27 31.70 -3.63
C ARG A 383 5.13 30.91 -4.63
N ASP A 384 4.94 29.59 -4.70
CA ASP A 384 5.70 28.74 -5.65
C ASP A 384 4.81 27.58 -6.16
N PRO A 385 4.13 27.81 -7.30
CA PRO A 385 3.28 26.76 -7.90
C PRO A 385 4.02 25.45 -8.24
N ALA A 386 5.33 25.53 -8.42
CA ALA A 386 6.16 24.39 -8.78
C ALA A 386 6.75 23.72 -7.55
N LEU A 387 6.48 24.26 -6.36
CA LEU A 387 6.99 23.68 -5.11
C LEU A 387 6.92 22.13 -5.09
N SER A 388 8.06 21.51 -4.83
CA SER A 388 8.16 20.05 -4.90
C SER A 388 7.71 19.34 -3.63
N ASN A 389 7.80 20.01 -2.49
CA ASN A 389 7.36 19.48 -1.22
C ASN A 389 7.00 20.61 -0.27
N LEU A 390 5.87 20.48 0.43
CA LEU A 390 5.41 21.50 1.41
C LEU A 390 6.42 21.81 2.51
N LEU A 391 7.26 20.84 2.87
CA LEU A 391 8.25 21.04 3.95
C LEU A 391 9.27 22.12 3.60
N LEU A 392 9.46 22.37 2.32
CA LEU A 392 10.35 23.39 1.84
C LEU A 392 9.77 24.80 1.88
N ASP A 393 8.43 24.94 1.95
CA ASP A 393 7.84 26.28 2.06
C ASP A 393 8.19 26.87 3.40
N SER A 394 8.45 28.19 3.44
CA SER A 394 9.01 28.83 4.64
C SER A 394 8.12 28.77 5.88
N TYR A 395 6.80 28.71 5.71
CA TYR A 395 5.92 28.55 6.87
C TYR A 395 6.01 27.14 7.47
N PHE A 396 6.00 26.10 6.62
CA PHE A 396 5.99 24.73 7.11
C PHE A 396 7.36 24.35 7.60
N LYS A 397 8.37 24.83 6.91
CA LYS A 397 9.76 24.66 7.31
C LYS A 397 10.06 25.26 8.69
N ASP A 398 9.63 26.49 8.93
CA ASP A 398 9.75 27.09 10.25
C ASP A 398 8.96 26.33 11.33
N ILE A 399 7.81 25.77 10.99
CA ILE A 399 7.01 25.00 11.96
C ILE A 399 7.70 23.66 12.30
N VAL A 400 8.14 22.93 11.29
CA VAL A 400 8.75 21.63 11.55
C VAL A 400 10.09 21.75 12.30
N GLU A 401 10.91 22.74 11.97
CA GLU A 401 12.16 22.92 12.70
CA GLU A 401 12.16 22.97 12.70
C GLU A 401 11.91 23.24 14.18
N ARG A 402 10.81 23.93 14.49
CA ARG A 402 10.46 24.29 15.86
CA ARG A 402 10.47 24.29 15.87
C ARG A 402 9.78 23.13 16.60
N TYR A 403 8.91 22.41 15.93
CA TYR A 403 8.13 21.34 16.58
C TYR A 403 8.77 19.94 16.52
N GLN A 404 9.91 19.81 15.85
CA GLN A 404 10.55 18.50 15.69
C GLN A 404 11.00 17.88 17.02
N ASP A 405 11.47 18.70 17.95
CA ASP A 405 11.88 18.22 19.26
CA ASP A 405 11.90 18.16 19.25
C ASP A 405 10.72 17.53 20.00
N ALA A 406 9.51 18.06 19.82
CA ALA A 406 8.32 17.51 20.45
C ALA A 406 7.87 16.17 19.85
N LEU A 407 7.93 16.05 18.52
CA LEU A 407 7.65 14.80 17.81
C LEU A 407 8.68 13.74 18.22
N ARG A 408 9.95 14.12 18.25
CA ARG A 408 11.01 13.27 18.75
C ARG A 408 10.72 12.77 20.16
N GLU A 409 10.20 13.66 21.00
CA GLU A 409 9.92 13.32 22.40
C GLU A 409 8.74 12.36 22.49
N ILE A 410 7.69 12.65 21.73
CA ILE A 410 6.52 11.81 21.68
C ILE A 410 6.82 10.41 21.18
N VAL A 411 7.66 10.31 20.14
CA VAL A 411 8.06 9.01 19.59
C VAL A 411 8.92 8.23 20.57
N ALA A 412 9.94 8.88 21.13
CA ALA A 412 10.79 8.29 22.15
C ALA A 412 9.99 7.85 23.39
N THR A 413 9.08 8.71 23.83
CA THR A 413 8.28 8.40 25.01
C THR A 413 7.32 7.24 24.77
N ALA A 414 6.66 7.23 23.61
CA ALA A 414 5.75 6.14 23.24
C ALA A 414 6.45 4.77 23.20
N ALA A 415 7.62 4.75 22.58
CA ALA A 415 8.47 3.56 22.53
C ALA A 415 8.77 2.99 23.89
N MET A 416 9.20 3.84 24.82
CA MET A 416 9.58 3.37 26.14
C MET A 416 8.39 2.98 26.98
N ARG A 417 7.22 3.56 26.70
CA ARG A 417 6.01 3.32 27.50
C ARG A 417 5.08 2.31 26.84
N GLY A 418 5.41 1.86 25.64
CA GLY A 418 4.63 0.85 24.94
C GLY A 418 3.32 1.35 24.34
N ILE A 419 3.27 2.64 23.99
CA ILE A 419 2.09 3.21 23.33
C ILE A 419 2.32 3.20 21.82
N PRO A 420 1.42 2.57 21.06
CA PRO A 420 1.58 2.54 19.61
C PRO A 420 1.29 3.88 18.93
N VAL A 421 2.26 4.43 18.22
CA VAL A 421 2.07 5.67 17.50
C VAL A 421 2.57 5.51 16.06
N PRO A 422 1.94 4.62 15.29
CA PRO A 422 2.47 4.29 13.97
C PRO A 422 2.61 5.44 12.99
N GLY A 423 1.63 6.33 12.97
CA GLY A 423 1.63 7.46 12.03
C GLY A 423 2.61 8.54 12.42
N SER A 424 2.63 8.88 13.70
CA SER A 424 3.57 9.86 14.22
C SER A 424 5.01 9.42 14.01
N ALA A 425 5.30 8.16 14.27
CA ALA A 425 6.64 7.62 14.13
C ALA A 425 7.06 7.54 12.65
N SER A 426 6.12 7.16 11.80
CA SER A 426 6.42 7.10 10.37
C SER A 426 6.56 8.52 9.83
N ALA A 427 5.91 9.50 10.44
CA ALA A 427 6.07 10.88 10.05
C ALA A 427 7.48 11.35 10.41
N LEU A 428 7.97 10.92 11.56
CA LEU A 428 9.27 11.36 11.99
C LEU A 428 10.34 10.69 11.14
N ALA A 429 10.15 9.42 10.79
CA ALA A 429 11.10 8.72 9.93
C ALA A 429 11.15 9.34 8.53
N TYR A 430 10.00 9.81 8.04
CA TYR A 430 9.93 10.55 6.78
C TYR A 430 10.70 11.86 6.80
N TYR A 431 10.51 12.62 7.86
CA TYR A 431 11.20 13.89 8.01
C TYR A 431 12.71 13.66 8.02
N ASP A 432 13.17 12.69 8.79
CA ASP A 432 14.61 12.40 8.83
C ASP A 432 15.18 11.76 7.56
N SER A 433 14.36 11.01 6.83
CA SER A 433 14.81 10.45 5.57
C SER A 433 14.93 11.53 4.53
N TYR A 434 13.86 12.31 4.39
CA TYR A 434 13.72 13.37 3.38
C TYR A 434 14.83 14.41 3.45
N ARG A 435 15.23 14.77 4.66
CA ARG A 435 16.27 15.80 4.83
C ARG A 435 17.69 15.27 4.79
N THR A 436 17.86 13.97 4.63
CA THR A 436 19.16 13.33 4.69
C THR A 436 19.67 13.09 3.27
N ALA A 437 20.87 13.58 2.96
CA ALA A 437 21.39 13.51 1.59
C ALA A 437 21.91 12.13 1.19
N VAL A 438 22.45 11.37 2.15
CA VAL A 438 22.99 10.03 1.89
C VAL A 438 22.37 9.02 2.87
N LEU A 439 21.39 8.26 2.36
CA LEU A 439 20.65 7.25 3.09
C LEU A 439 21.34 5.88 2.87
N PRO A 440 20.98 4.85 3.67
CA PRO A 440 21.67 3.56 3.55
C PRO A 440 21.34 2.67 2.34
N ALA A 441 20.66 3.20 1.33
CA ALA A 441 20.35 2.47 0.11
C ALA A 441 21.58 2.16 -0.74
N ASN A 442 22.71 2.78 -0.43
CA ASN A 442 23.96 2.37 -1.04
C ASN A 442 24.20 0.89 -0.75
N LEU A 443 23.87 0.44 0.47
CA LEU A 443 24.03 -0.96 0.83
C LEU A 443 23.02 -1.81 0.08
N ILE A 444 21.78 -1.33 0.00
CA ILE A 444 20.74 -2.11 -0.64
C ILE A 444 21.13 -2.37 -2.10
N GLN A 445 21.60 -1.35 -2.79
CA GLN A 445 22.02 -1.49 -4.19
C GLN A 445 23.16 -2.47 -4.40
N ALA A 446 24.14 -2.43 -3.47
CA ALA A 446 25.27 -3.36 -3.44
C ALA A 446 24.78 -4.79 -3.29
N GLN A 447 23.93 -5.00 -2.29
CA GLN A 447 23.23 -6.30 -2.17
C GLN A 447 22.57 -6.82 -3.46
N ARG A 448 21.78 -5.96 -4.10
CA ARG A 448 21.01 -6.32 -5.29
C ARG A 448 21.89 -6.64 -6.51
N ASP A 449 23.02 -5.95 -6.63
CA ASP A 449 24.04 -6.32 -7.59
C ASP A 449 24.81 -7.59 -7.18
N TYR A 450 24.90 -7.83 -5.88
CA TYR A 450 25.61 -9.00 -5.36
C TYR A 450 24.84 -10.23 -5.78
N PHE A 451 23.60 -10.35 -5.36
CA PHE A 451 22.80 -11.57 -5.62
C PHE A 451 22.06 -11.58 -6.95
N GLY A 452 21.81 -10.41 -7.53
CA GLY A 452 20.95 -10.30 -8.70
C GLY A 452 21.56 -9.66 -9.93
N ALA A 453 22.79 -9.17 -9.84
CA ALA A 453 23.43 -8.50 -10.99
C ALA A 453 22.61 -7.30 -11.49
N HIS A 454 21.96 -6.63 -10.54
CA HIS A 454 21.04 -5.54 -10.88
C HIS A 454 21.71 -4.21 -11.26
N THR A 455 23.04 -4.16 -11.15
CA THR A 455 23.87 -2.99 -11.46
C THR A 455 23.62 -1.82 -10.51
N TYR A 456 24.60 -0.93 -10.43
CA TYR A 456 24.46 0.26 -9.62
C TYR A 456 25.04 1.47 -10.33
N GLU A 457 24.84 2.63 -9.72
CA GLU A 457 25.45 3.88 -10.14
C GLU A 457 26.44 4.36 -9.07
N ARG A 458 27.29 5.32 -9.45
CA ARG A 458 28.31 5.87 -8.55
C ARG A 458 28.12 7.36 -8.26
N VAL A 459 28.53 7.75 -7.06
CA VAL A 459 28.49 9.15 -6.61
C VAL A 459 29.45 10.04 -7.39
N ASP A 460 30.54 9.47 -7.89
CA ASP A 460 31.62 10.28 -8.46
C ASP A 460 31.69 10.31 -9.98
N LYS A 461 30.98 9.41 -10.66
CA LYS A 461 30.94 9.45 -12.11
C LYS A 461 29.66 8.89 -12.69
N GLU A 462 29.31 9.41 -13.87
CA GLU A 462 28.15 8.97 -14.61
C GLU A 462 28.42 7.56 -15.13
N GLY A 463 27.36 6.78 -15.27
CA GLY A 463 27.46 5.43 -15.81
C GLY A 463 26.67 4.36 -15.07
N ILE A 464 26.60 3.18 -15.68
CA ILE A 464 25.93 2.01 -15.11
C ILE A 464 26.97 0.95 -14.81
N PHE A 465 27.03 0.48 -13.58
CA PHE A 465 28.16 -0.34 -13.16
C PHE A 465 27.74 -1.69 -12.57
N HIS A 466 28.54 -2.72 -12.83
CA HIS A 466 28.32 -4.06 -12.28
C HIS A 466 29.61 -4.62 -11.72
N THR A 467 29.54 -5.20 -10.53
CA THR A 467 30.72 -5.84 -9.91
C THR A 467 30.56 -7.35 -9.83
N GLU A 468 31.64 -8.06 -10.14
CA GLU A 468 31.74 -9.50 -9.88
C GLU A 468 32.13 -9.68 -8.42
N TRP A 469 31.11 -9.68 -7.57
CA TRP A 469 31.30 -9.65 -6.12
C TRP A 469 32.01 -10.87 -5.54
N LEU A 470 31.81 -12.04 -6.13
CA LEU A 470 32.35 -13.29 -5.57
C LEU A 470 33.84 -13.47 -5.87
N LYS A 471 34.63 -12.48 -5.43
CA LYS A 471 36.08 -12.43 -5.61
C LYS A 471 36.50 -12.67 -7.07
N GLY B 1 15.20 -42.35 -38.63
CA GLY B 1 13.72 -42.12 -38.40
C GLY B 1 13.41 -41.77 -36.95
N HIS B 2 12.31 -41.06 -36.74
CA HIS B 2 11.77 -40.73 -35.41
C HIS B 2 12.55 -39.60 -34.70
N MET B 3 11.99 -38.39 -34.70
CA MET B 3 12.48 -37.30 -33.84
C MET B 3 12.39 -37.76 -32.37
N ALA B 4 13.52 -37.74 -31.67
CA ALA B 4 13.69 -38.49 -30.40
C ALA B 4 12.97 -37.91 -29.16
N LYS B 5 11.62 -37.91 -29.20
CA LYS B 5 10.77 -37.42 -28.10
C LYS B 5 11.47 -37.06 -26.79
N HIS B 6 11.43 -35.78 -26.41
CA HIS B 6 12.10 -35.30 -25.19
C HIS B 6 11.15 -35.19 -24.01
N GLN B 7 11.70 -35.27 -22.80
CA GLN B 7 10.88 -35.38 -21.58
C GLN B 7 10.18 -34.05 -21.19
N ILE B 8 10.92 -32.95 -21.34
CA ILE B 8 10.41 -31.63 -21.02
C ILE B 8 10.91 -30.63 -22.04
N GLY B 9 10.16 -29.56 -22.23
CA GLY B 9 10.59 -28.49 -23.12
C GLY B 9 10.62 -27.18 -22.39
N VAL B 10 11.48 -26.29 -22.82
CA VAL B 10 11.60 -24.94 -22.24
C VAL B 10 11.50 -23.91 -23.36
N ILE B 11 10.56 -22.96 -23.20
CA ILE B 11 10.44 -21.82 -24.09
C ILE B 11 10.95 -20.58 -23.38
N GLY B 12 11.94 -19.91 -23.98
CA GLY B 12 12.49 -18.67 -23.41
C GLY B 12 13.89 -18.87 -22.90
N LEU B 13 14.85 -18.29 -23.59
CA LEU B 13 16.24 -18.60 -23.34
C LEU B 13 17.04 -17.35 -22.96
N ALA B 14 16.51 -16.61 -22.00
CA ALA B 14 17.30 -15.66 -21.25
C ALA B 14 18.14 -16.48 -20.26
N VAL B 15 19.04 -15.86 -19.51
CA VAL B 15 19.90 -16.64 -18.60
C VAL B 15 19.10 -17.59 -17.66
N MET B 16 17.92 -17.17 -17.21
CA MET B 16 17.13 -17.95 -16.24
C MET B 16 16.66 -19.27 -16.85
N GLY B 17 16.06 -19.18 -18.04
CA GLY B 17 15.51 -20.36 -18.71
C GLY B 17 16.59 -21.30 -19.19
N LYS B 18 17.70 -20.70 -19.66
CA LYS B 18 18.90 -21.44 -20.06
C LYS B 18 19.48 -22.20 -18.88
N ASN B 19 19.57 -21.53 -17.74
CA ASN B 19 20.11 -22.19 -16.55
C ASN B 19 19.15 -23.24 -16.00
N LEU B 20 17.84 -22.97 -16.01
CA LEU B 20 16.90 -24.02 -15.63
C LEU B 20 17.06 -25.19 -16.59
N ALA B 21 17.26 -24.90 -17.87
CA ALA B 21 17.37 -25.94 -18.88
C ALA B 21 18.54 -26.84 -18.53
N LEU B 22 19.68 -26.22 -18.25
CA LEU B 22 20.91 -26.92 -17.92
C LEU B 22 20.81 -27.66 -16.59
N ASN B 23 20.18 -27.04 -15.60
CA ASN B 23 19.87 -27.73 -14.35
C ASN B 23 19.10 -29.04 -14.62
N ILE B 24 18.00 -28.95 -15.37
CA ILE B 24 17.12 -30.10 -15.66
C ILE B 24 17.87 -31.23 -16.38
N GLU B 25 18.65 -30.85 -17.39
CA GLU B 25 19.44 -31.80 -18.16
C GLU B 25 20.48 -32.48 -17.29
N SER B 26 21.09 -31.76 -16.35
CA SER B 26 22.12 -32.35 -15.49
C SER B 26 21.56 -33.41 -14.54
N LYS B 27 20.24 -33.44 -14.39
CA LYS B 27 19.56 -34.41 -13.55
C LYS B 27 19.11 -35.65 -14.32
N GLY B 28 19.50 -35.74 -15.59
CA GLY B 28 19.16 -36.89 -16.41
C GLY B 28 17.84 -36.79 -17.16
N TYR B 29 17.32 -35.57 -17.32
CA TYR B 29 16.15 -35.35 -18.18
C TYR B 29 16.61 -34.82 -19.52
N SER B 30 15.90 -35.22 -20.59
CA SER B 30 16.18 -34.70 -21.94
C SER B 30 15.28 -33.50 -22.21
N VAL B 31 15.86 -32.44 -22.79
CA VAL B 31 15.18 -31.15 -22.91
C VAL B 31 15.16 -30.62 -24.32
N ALA B 32 13.99 -30.13 -24.74
CA ALA B 32 13.84 -29.47 -26.02
C ALA B 32 13.61 -27.98 -25.75
N VAL B 33 14.32 -27.13 -26.47
CA VAL B 33 14.22 -25.70 -26.22
C VAL B 33 13.74 -24.98 -27.46
N TYR B 34 13.14 -23.81 -27.23
CA TYR B 34 12.67 -22.92 -28.30
C TYR B 34 12.69 -21.48 -27.83
N ASN B 35 12.95 -20.57 -28.76
CA ASN B 35 12.94 -19.17 -28.43
C ASN B 35 12.56 -18.44 -29.70
N ARG B 36 11.62 -17.50 -29.55
CA ARG B 36 11.11 -16.72 -30.65
C ARG B 36 12.23 -16.03 -31.40
N LEU B 37 13.12 -15.37 -30.68
CA LEU B 37 14.30 -14.73 -31.28
C LEU B 37 15.35 -15.83 -31.54
N ARG B 38 15.66 -16.08 -32.80
CA ARG B 38 16.41 -17.27 -33.22
C ARG B 38 17.85 -17.38 -32.64
N GLU B 39 18.57 -16.27 -32.62
CA GLU B 39 19.99 -16.30 -32.20
C GLU B 39 20.19 -16.81 -30.78
N LYS B 40 19.20 -16.64 -29.90
CA LYS B 40 19.31 -17.15 -28.56
C LYS B 40 19.34 -18.68 -28.50
N THR B 41 18.53 -19.33 -29.33
CA THR B 41 18.55 -20.79 -29.43
C THR B 41 19.89 -21.27 -29.96
N ASP B 42 20.38 -20.61 -31.01
CA ASP B 42 21.66 -20.97 -31.64
C ASP B 42 22.81 -20.88 -30.65
N GLU B 43 22.92 -19.72 -30.00
CA GLU B 43 23.89 -19.51 -28.93
C GLU B 43 23.79 -20.59 -27.84
N PHE B 44 22.58 -20.84 -27.34
CA PHE B 44 22.44 -21.82 -26.27
C PHE B 44 22.92 -23.22 -26.67
N LEU B 45 22.65 -23.63 -27.90
CA LEU B 45 23.06 -24.94 -28.35
C LEU B 45 24.59 -25.07 -28.39
N GLN B 46 25.29 -23.99 -28.70
CA GLN B 46 26.75 -24.07 -28.67
C GLN B 46 27.31 -23.97 -27.26
N GLU B 47 26.49 -23.51 -26.33
CA GLU B 47 26.89 -23.54 -24.93
CA GLU B 47 26.77 -23.49 -24.90
C GLU B 47 26.50 -24.86 -24.28
N ALA B 48 25.57 -25.60 -24.90
CA ALA B 48 25.12 -26.90 -24.39
C ALA B 48 25.64 -28.10 -25.18
N LYS B 49 26.85 -27.97 -25.73
CA LYS B 49 27.46 -29.05 -26.49
C LYS B 49 27.67 -30.32 -25.64
N GLY B 50 27.16 -31.45 -26.15
CA GLY B 50 27.32 -32.74 -25.47
C GLY B 50 26.23 -33.02 -24.45
N LYS B 51 25.31 -32.09 -24.30
CA LYS B 51 24.21 -32.24 -23.35
C LYS B 51 22.96 -32.64 -24.11
N ASN B 52 22.02 -33.28 -23.40
CA ASN B 52 20.82 -33.80 -24.02
C ASN B 52 19.79 -32.70 -24.09
N ILE B 53 20.07 -31.76 -24.97
CA ILE B 53 19.25 -30.59 -25.19
C ILE B 53 19.19 -30.45 -26.71
N VAL B 54 17.97 -30.38 -27.26
CA VAL B 54 17.80 -30.17 -28.69
CA VAL B 54 17.79 -30.20 -28.69
C VAL B 54 17.11 -28.84 -28.92
N GLY B 55 17.49 -28.16 -30.00
CA GLY B 55 16.83 -26.95 -30.41
C GLY B 55 15.67 -27.29 -31.32
N THR B 56 14.61 -26.51 -31.24
CA THR B 56 13.50 -26.55 -32.19
C THR B 56 13.21 -25.11 -32.60
N TYR B 57 12.58 -24.92 -33.75
CA TYR B 57 12.58 -23.61 -34.38
C TYR B 57 11.17 -23.12 -34.79
N SER B 58 10.15 -23.76 -34.21
CA SER B 58 8.78 -23.31 -34.33
C SER B 58 8.01 -23.92 -33.17
N ILE B 59 6.93 -23.26 -32.75
CA ILE B 59 6.08 -23.81 -31.69
C ILE B 59 5.54 -25.20 -32.07
N GLU B 60 5.27 -25.37 -33.36
CA GLU B 60 4.83 -26.66 -33.88
CA GLU B 60 4.83 -26.66 -33.88
C GLU B 60 5.90 -27.71 -33.63
N GLU B 61 7.10 -27.47 -34.16
CA GLU B 61 8.24 -28.39 -33.99
C GLU B 61 8.51 -28.68 -32.52
N PHE B 62 8.48 -27.62 -31.71
CA PHE B 62 8.70 -27.71 -30.27
C PHE B 62 7.71 -28.67 -29.62
N VAL B 63 6.45 -28.52 -29.95
CA VAL B 63 5.40 -29.35 -29.35
C VAL B 63 5.49 -30.80 -29.83
N ASN B 64 5.81 -31.03 -31.10
CA ASN B 64 5.91 -32.38 -31.65
CA ASN B 64 5.90 -32.39 -31.62
C ASN B 64 7.13 -33.12 -31.09
N ALA B 65 8.08 -32.37 -30.54
CA ALA B 65 9.32 -32.97 -30.01
C ALA B 65 9.20 -33.55 -28.59
N LEU B 66 8.03 -33.48 -27.96
CA LEU B 66 7.91 -33.81 -26.54
C LEU B 66 7.06 -35.04 -26.26
N GLU B 67 7.49 -35.82 -25.27
CA GLU B 67 6.66 -36.90 -24.67
C GLU B 67 5.29 -36.42 -24.18
N LYS B 68 4.26 -37.21 -24.46
CA LYS B 68 2.93 -37.01 -23.83
C LYS B 68 2.86 -37.71 -22.47
N PRO B 69 2.19 -37.08 -21.48
CA PRO B 69 1.66 -35.72 -21.51
C PRO B 69 2.79 -34.70 -21.58
N ARG B 70 2.59 -33.65 -22.38
CA ARG B 70 3.68 -32.69 -22.61
C ARG B 70 3.89 -31.80 -21.41
N LYS B 71 5.16 -31.50 -21.13
CA LYS B 71 5.52 -30.63 -20.02
C LYS B 71 6.34 -29.51 -20.60
N ILE B 72 5.80 -28.31 -20.52
CA ILE B 72 6.37 -27.14 -21.16
C ILE B 72 6.57 -26.03 -20.14
N LEU B 73 7.82 -25.61 -19.99
CA LEU B 73 8.20 -24.58 -19.06
C LEU B 73 8.31 -23.28 -19.85
N LEU B 74 7.51 -22.27 -19.46
CA LEU B 74 7.60 -20.92 -20.05
C LEU B 74 8.55 -20.04 -19.22
N MET B 75 9.60 -19.53 -19.84
CA MET B 75 10.48 -18.56 -19.15
C MET B 75 10.61 -17.35 -20.04
N VAL B 76 9.50 -16.68 -20.29
CA VAL B 76 9.47 -15.51 -21.16
C VAL B 76 8.93 -14.28 -20.42
N LYS B 77 9.14 -13.12 -21.04
CA LYS B 77 8.74 -11.82 -20.48
C LYS B 77 7.30 -11.86 -19.99
N ALA B 78 7.08 -11.27 -18.82
CA ALA B 78 5.74 -11.26 -18.21
C ALA B 78 4.78 -10.45 -19.06
N GLY B 79 3.52 -10.87 -19.05
CA GLY B 79 2.45 -10.12 -19.66
C GLY B 79 2.07 -10.63 -21.03
N ALA B 80 2.01 -9.71 -21.99
CA ALA B 80 1.59 -10.03 -23.34
C ALA B 80 2.41 -11.17 -24.01
N PRO B 81 3.75 -11.14 -23.89
CA PRO B 81 4.59 -12.22 -24.44
C PRO B 81 4.27 -13.62 -23.90
N THR B 82 3.94 -13.72 -22.61
CA THR B 82 3.51 -14.98 -22.02
C THR B 82 2.15 -15.44 -22.55
N ASP B 83 1.20 -14.52 -22.65
CA ASP B 83 -0.13 -14.90 -23.22
C ASP B 83 -0.07 -15.14 -24.71
N ALA B 84 0.80 -14.41 -25.40
CA ALA B 84 1.01 -14.62 -26.82
C ALA B 84 1.52 -16.04 -27.03
N THR B 85 2.50 -16.45 -26.23
CA THR B 85 3.06 -17.79 -26.31
C THR B 85 2.04 -18.89 -26.04
N ILE B 86 1.30 -18.78 -24.95
CA ILE B 86 0.22 -19.74 -24.62
C ILE B 86 -0.82 -19.86 -25.73
N GLU B 87 -1.13 -18.74 -26.36
CA GLU B 87 -2.14 -18.68 -27.40
C GLU B 87 -1.69 -19.44 -28.66
N GLN B 88 -0.39 -19.42 -28.94
CA GLN B 88 0.19 -20.19 -30.05
CA GLN B 88 0.15 -20.20 -30.06
C GLN B 88 0.30 -21.68 -29.71
N LEU B 89 0.50 -21.99 -28.44
CA LEU B 89 0.59 -23.40 -28.01
C LEU B 89 -0.78 -24.11 -28.13
N LYS B 90 -1.84 -23.40 -27.75
CA LYS B 90 -3.20 -23.96 -27.62
C LYS B 90 -3.65 -24.86 -28.76
N PRO B 91 -3.54 -24.40 -30.01
CA PRO B 91 -3.96 -25.31 -31.10
C PRO B 91 -3.20 -26.63 -31.12
N HIS B 92 -1.96 -26.65 -30.63
CA HIS B 92 -1.11 -27.82 -30.77
C HIS B 92 -1.13 -28.78 -29.59
N LEU B 93 -1.68 -28.32 -28.47
CA LEU B 93 -1.69 -29.14 -27.25
C LEU B 93 -2.90 -30.07 -27.20
N GLU B 94 -2.85 -31.00 -26.26
CA GLU B 94 -3.91 -31.99 -26.09
C GLU B 94 -4.37 -32.11 -24.63
N LYS B 95 -5.58 -32.63 -24.47
CA LYS B 95 -6.14 -32.98 -23.16
C LYS B 95 -5.07 -33.68 -22.34
N GLY B 96 -4.59 -33.04 -21.28
CA GLY B 96 -3.67 -33.66 -20.34
C GLY B 96 -2.31 -33.01 -20.33
N ASP B 97 -1.97 -32.28 -21.39
CA ASP B 97 -0.67 -31.60 -21.44
C ASP B 97 -0.60 -30.52 -20.38
N ILE B 98 0.65 -30.14 -20.04
CA ILE B 98 0.96 -29.33 -18.88
C ILE B 98 1.87 -28.13 -19.24
N VAL B 99 1.32 -26.91 -19.13
CA VAL B 99 2.10 -25.69 -19.33
C VAL B 99 2.44 -25.12 -17.97
N ILE B 100 3.72 -24.89 -17.76
CA ILE B 100 4.26 -24.39 -16.52
C ILE B 100 4.79 -22.99 -16.80
N ASP B 101 4.26 -21.97 -16.13
CA ASP B 101 4.84 -20.62 -16.22
C ASP B 101 5.75 -20.31 -15.03
N GLY B 102 7.04 -20.13 -15.32
CA GLY B 102 8.04 -19.93 -14.28
C GLY B 102 8.49 -18.51 -14.02
N GLY B 103 7.88 -17.53 -14.69
CA GLY B 103 8.23 -16.14 -14.42
C GLY B 103 7.76 -15.59 -13.08
N ASN B 104 8.17 -14.36 -12.80
CA ASN B 104 7.68 -13.63 -11.62
CA ASN B 104 7.69 -13.62 -11.64
C ASN B 104 6.34 -13.00 -12.02
N THR B 105 5.32 -13.84 -12.06
CA THR B 105 4.01 -13.48 -12.56
C THR B 105 3.06 -13.05 -11.42
N TYR B 106 2.20 -12.09 -11.73
CA TYR B 106 1.11 -11.69 -10.85
C TYR B 106 0.07 -12.80 -10.75
N PHE B 107 -0.23 -13.21 -9.53
CA PHE B 107 -0.96 -14.47 -9.32
C PHE B 107 -2.34 -14.49 -9.93
N LYS B 108 -2.89 -13.31 -10.22
CA LYS B 108 -4.24 -13.23 -10.80
C LYS B 108 -4.24 -13.58 -12.28
N ASP B 109 -3.13 -13.30 -12.95
CA ASP B 109 -2.99 -13.66 -14.36
C ASP B 109 -2.87 -15.17 -14.52
N THR B 110 -2.18 -15.80 -13.57
CA THR B 110 -2.11 -17.26 -13.49
C THR B 110 -3.49 -17.88 -13.28
N GLN B 111 -4.28 -17.28 -12.39
CA GLN B 111 -5.61 -17.78 -12.08
C GLN B 111 -6.46 -17.75 -13.36
N ARG B 112 -6.41 -16.61 -14.06
CA ARG B 112 -7.08 -16.46 -15.34
C ARG B 112 -6.58 -17.48 -16.37
N ARG B 113 -5.27 -17.63 -16.51
CA ARG B 113 -4.74 -18.57 -17.50
C ARG B 113 -5.08 -20.02 -17.14
N ASN B 114 -4.91 -20.37 -15.86
CA ASN B 114 -5.29 -21.69 -15.36
C ASN B 114 -6.70 -22.10 -15.83
N LYS B 115 -7.68 -21.26 -15.58
CA LYS B 115 -9.07 -21.61 -15.93
C LYS B 115 -9.32 -21.52 -17.44
N GLU B 116 -8.68 -20.56 -18.09
CA GLU B 116 -8.74 -20.46 -19.54
C GLU B 116 -8.29 -21.77 -20.18
N LEU B 117 -7.22 -22.36 -19.64
CA LEU B 117 -6.63 -23.58 -20.18
C LEU B 117 -7.37 -24.86 -19.73
N ALA B 118 -7.83 -24.90 -18.48
CA ALA B 118 -8.68 -26.01 -17.98
C ALA B 118 -9.91 -26.25 -18.86
N GLU B 119 -10.46 -25.17 -19.41
CA GLU B 119 -11.56 -25.27 -20.35
C GLU B 119 -11.25 -26.17 -21.54
N LEU B 120 -9.98 -26.18 -21.98
CA LEU B 120 -9.54 -26.98 -23.12
CA LEU B 120 -9.55 -26.99 -23.13
C LEU B 120 -8.91 -28.30 -22.68
N GLY B 121 -9.05 -28.64 -21.40
CA GLY B 121 -8.42 -29.86 -20.86
C GLY B 121 -6.90 -29.81 -20.71
N ILE B 122 -6.31 -28.61 -20.68
CA ILE B 122 -4.87 -28.45 -20.54
C ILE B 122 -4.60 -27.95 -19.13
N HIS B 123 -3.60 -28.50 -18.45
CA HIS B 123 -3.27 -28.11 -17.09
C HIS B 123 -2.25 -26.94 -17.08
N PHE B 124 -2.29 -26.12 -16.03
CA PHE B 124 -1.41 -24.96 -15.92
C PHE B 124 -0.80 -24.89 -14.54
N ILE B 125 0.52 -24.76 -14.46
CA ILE B 125 1.21 -24.58 -13.19
C ILE B 125 1.97 -23.25 -13.19
N GLY B 126 1.56 -22.36 -12.31
CA GLY B 126 2.25 -21.10 -12.17
C GLY B 126 3.21 -21.33 -11.04
N THR B 127 4.50 -21.17 -11.29
CA THR B 127 5.49 -21.49 -10.28
CA THR B 127 5.51 -21.49 -10.28
C THR B 127 6.54 -20.39 -10.13
N GLY B 128 6.80 -20.03 -8.87
CA GLY B 128 7.87 -19.13 -8.55
C GLY B 128 9.17 -19.92 -8.58
N VAL B 129 10.24 -19.22 -8.91
CA VAL B 129 11.58 -19.73 -8.93
C VAL B 129 12.45 -18.64 -8.33
N SER B 130 13.14 -18.96 -7.24
CA SER B 130 13.94 -17.96 -6.50
C SER B 130 15.35 -18.48 -6.38
N GLY B 131 16.29 -17.58 -6.16
CA GLY B 131 17.71 -17.93 -6.10
C GLY B 131 18.59 -17.17 -7.08
N GLY B 132 17.98 -16.45 -8.01
CA GLY B 132 18.73 -15.72 -9.03
C GLY B 132 19.18 -16.64 -10.18
N GLU B 133 20.15 -16.17 -10.95
CA GLU B 133 20.67 -16.91 -12.09
C GLU B 133 21.54 -18.07 -11.63
N GLU B 134 22.45 -17.81 -10.70
CA GLU B 134 23.30 -18.87 -10.14
C GLU B 134 22.42 -19.94 -9.49
N GLY B 135 21.38 -19.52 -8.79
CA GLY B 135 20.49 -20.44 -8.11
C GLY B 135 19.68 -21.29 -9.06
N ALA B 136 19.34 -20.75 -10.23
CA ALA B 136 18.57 -21.52 -11.21
C ALA B 136 19.46 -22.62 -11.80
N LEU B 137 20.75 -22.32 -11.87
CA LEU B 137 21.74 -23.24 -12.40
C LEU B 137 22.00 -24.37 -11.39
N LYS B 138 22.21 -23.97 -10.14
CA LYS B 138 22.73 -24.85 -9.10
C LYS B 138 21.60 -25.46 -8.26
N GLY B 139 20.55 -24.70 -7.98
CA GLY B 139 19.50 -25.18 -7.08
C GLY B 139 18.64 -24.06 -6.51
N PRO B 140 17.50 -23.78 -7.16
CA PRO B 140 16.62 -22.71 -6.73
C PRO B 140 15.59 -23.22 -5.73
N SER B 141 14.72 -22.31 -5.28
CA SER B 141 13.53 -22.70 -4.54
C SER B 141 12.40 -22.68 -5.56
N ILE B 142 11.50 -23.65 -5.50
CA ILE B 142 10.46 -23.77 -6.54
C ILE B 142 9.09 -23.92 -5.89
N MET B 143 8.15 -23.09 -6.34
CA MET B 143 6.87 -22.85 -5.66
C MET B 143 5.71 -22.98 -6.65
N PRO B 144 5.38 -24.22 -7.01
CA PRO B 144 4.33 -24.49 -8.00
C PRO B 144 2.94 -24.51 -7.41
N GLY B 145 2.04 -23.79 -8.07
CA GLY B 145 0.61 -23.94 -7.81
C GLY B 145 -0.10 -24.27 -9.10
N GLY B 146 -1.20 -25.01 -9.00
CA GLY B 146 -1.93 -25.48 -10.16
C GLY B 146 -2.68 -26.74 -9.86
N GLN B 147 -3.04 -27.51 -10.89
CA GLN B 147 -3.77 -28.76 -10.67
C GLN B 147 -2.81 -29.75 -10.05
N LYS B 148 -3.29 -30.46 -9.05
CA LYS B 148 -2.52 -31.45 -8.31
C LYS B 148 -2.09 -32.62 -9.20
N GLU B 149 -3.05 -33.20 -9.92
CA GLU B 149 -2.74 -34.26 -10.87
C GLU B 149 -1.63 -33.88 -11.85
N ALA B 150 -1.60 -32.62 -12.28
CA ALA B 150 -0.53 -32.11 -13.16
C ALA B 150 0.77 -31.88 -12.40
N HIS B 151 0.68 -31.47 -11.14
CA HIS B 151 1.89 -31.26 -10.33
C HIS B 151 2.55 -32.60 -10.02
N GLU B 152 1.76 -33.63 -9.78
CA GLU B 152 2.35 -34.94 -9.51
C GLU B 152 3.19 -35.45 -10.70
N LEU B 153 2.82 -35.05 -11.91
CA LEU B 153 3.56 -35.46 -13.10
CA LEU B 153 3.55 -35.44 -13.11
C LEU B 153 4.93 -34.77 -13.23
N VAL B 154 5.01 -33.49 -12.83
CA VAL B 154 6.25 -32.74 -12.97
CA VAL B 154 6.22 -32.68 -12.95
C VAL B 154 7.05 -32.67 -11.66
N ARG B 155 6.42 -33.07 -10.55
CA ARG B 155 7.05 -33.05 -9.21
C ARG B 155 8.46 -33.64 -9.18
N PRO B 156 8.66 -34.82 -9.80
CA PRO B 156 10.00 -35.40 -9.84
C PRO B 156 11.07 -34.49 -10.45
N ILE B 157 10.75 -33.79 -11.53
CA ILE B 157 11.70 -32.84 -12.13
C ILE B 157 12.01 -31.68 -11.17
N PHE B 158 10.95 -31.10 -10.59
CA PHE B 158 11.09 -29.98 -9.66
C PHE B 158 11.94 -30.39 -8.46
N GLU B 159 11.66 -31.58 -7.93
CA GLU B 159 12.40 -32.09 -6.79
C GLU B 159 13.84 -32.40 -7.10
N ALA B 160 14.13 -32.80 -8.35
CA ALA B 160 15.51 -33.09 -8.75
C ALA B 160 16.36 -31.80 -8.82
N ILE B 161 15.82 -30.77 -9.45
CA ILE B 161 16.58 -29.53 -9.68
C ILE B 161 16.60 -28.53 -8.50
N ALA B 162 15.65 -28.65 -7.56
CA ALA B 162 15.56 -27.74 -6.42
C ALA B 162 16.75 -27.85 -5.49
N ALA B 163 17.04 -26.80 -4.74
CA ALA B 163 17.97 -26.90 -3.61
C ALA B 163 17.42 -27.93 -2.61
N LYS B 164 18.32 -28.59 -1.88
CA LYS B 164 17.93 -29.47 -0.75
C LYS B 164 18.57 -28.97 0.54
N VAL B 165 17.80 -29.05 1.62
CA VAL B 165 18.32 -28.84 2.95
C VAL B 165 17.94 -30.06 3.78
N ASP B 166 18.94 -30.68 4.39
CA ASP B 166 18.75 -31.87 5.21
C ASP B 166 17.88 -32.90 4.49
N GLY B 167 18.20 -33.17 3.23
CA GLY B 167 17.48 -34.15 2.45
C GLY B 167 16.10 -33.79 1.91
N GLU B 168 15.57 -32.60 2.22
CA GLU B 168 14.24 -32.18 1.75
CA GLU B 168 14.24 -32.19 1.74
C GLU B 168 14.36 -31.16 0.64
N PRO B 169 13.76 -31.44 -0.54
CA PRO B 169 13.89 -30.48 -1.62
C PRO B 169 13.12 -29.21 -1.28
N CYS B 170 13.73 -28.07 -1.62
CA CYS B 170 13.06 -26.77 -1.48
C CYS B 170 12.02 -26.59 -2.59
N THR B 171 11.01 -27.45 -2.54
CA THR B 171 9.87 -27.39 -3.41
C THR B 171 8.75 -28.24 -2.81
N THR B 172 7.53 -27.78 -3.00
CA THR B 172 6.34 -28.46 -2.53
C THR B 172 5.19 -28.01 -3.40
N TYR B 173 4.10 -28.77 -3.43
CA TYR B 173 2.89 -28.30 -4.07
C TYR B 173 2.28 -27.27 -3.16
N ILE B 174 2.23 -26.01 -3.61
CA ILE B 174 1.84 -24.89 -2.74
C ILE B 174 0.31 -24.85 -2.62
N GLY B 175 -0.36 -25.03 -3.75
CA GLY B 175 -1.83 -25.12 -3.80
C GLY B 175 -2.40 -24.87 -5.21
N PRO B 176 -3.69 -24.61 -5.31
CA PRO B 176 -4.32 -24.47 -6.62
C PRO B 176 -4.05 -23.14 -7.34
N ASP B 177 -4.32 -23.14 -8.64
CA ASP B 177 -4.32 -21.95 -9.46
C ASP B 177 -3.10 -21.09 -9.22
N GLY B 178 -3.28 -19.87 -8.73
CA GLY B 178 -2.17 -18.91 -8.59
C GLY B 178 -1.45 -18.97 -7.26
N ALA B 179 -1.73 -19.99 -6.45
CA ALA B 179 -1.12 -20.16 -5.13
C ALA B 179 0.41 -19.97 -5.13
N GLY B 180 1.06 -20.56 -6.13
CA GLY B 180 2.51 -20.61 -6.19
C GLY B 180 3.14 -19.29 -6.48
N HIS B 181 2.57 -18.59 -7.45
CA HIS B 181 3.01 -17.23 -7.74
C HIS B 181 2.70 -16.23 -6.63
N TYR B 182 1.66 -16.50 -5.83
CA TYR B 182 1.34 -15.67 -4.68
C TYR B 182 2.45 -15.77 -3.64
N VAL B 183 2.87 -16.99 -3.35
CA VAL B 183 3.89 -17.24 -2.34
C VAL B 183 5.21 -16.64 -2.78
N LYS B 184 5.48 -16.66 -4.09
CA LYS B 184 6.70 -16.04 -4.63
C LYS B 184 6.72 -14.52 -4.39
N MET B 185 5.56 -13.93 -4.57
CA MET B 185 5.38 -12.52 -4.33
C MET B 185 5.65 -12.19 -2.87
N VAL B 186 5.15 -12.99 -1.95
CA VAL B 186 5.33 -12.75 -0.54
C VAL B 186 6.82 -12.98 -0.20
N HIS B 187 7.42 -14.02 -0.77
CA HIS B 187 8.88 -14.14 -0.70
C HIS B 187 9.57 -12.79 -1.01
N ASN B 188 9.23 -12.22 -2.16
CA ASN B 188 9.78 -10.95 -2.64
C ASN B 188 9.54 -9.81 -1.65
N GLY B 189 8.33 -9.71 -1.14
CA GLY B 189 7.99 -8.69 -0.17
C GLY B 189 8.85 -8.80 1.07
N ILE B 190 8.95 -10.01 1.60
CA ILE B 190 9.75 -10.27 2.79
C ILE B 190 11.22 -9.87 2.60
N GLU B 191 11.78 -10.22 1.46
CA GLU B 191 13.12 -9.81 1.03
C GLU B 191 13.33 -8.30 1.16
N TYR B 192 12.39 -7.52 0.62
CA TYR B 192 12.49 -6.06 0.71
C TYR B 192 12.58 -5.62 2.16
N GLY B 193 11.74 -6.21 3.00
CA GLY B 193 11.75 -5.84 4.41
C GLY B 193 13.06 -6.14 5.07
N ASP B 194 13.57 -7.37 4.87
CA ASP B 194 14.86 -7.77 5.45
C ASP B 194 16.02 -6.85 5.07
N MET B 195 16.11 -6.50 3.78
CA MET B 195 17.15 -5.59 3.30
C MET B 195 17.02 -4.21 3.97
N GLN B 196 15.79 -3.72 4.12
CA GLN B 196 15.58 -2.44 4.77
C GLN B 196 16.02 -2.48 6.23
N LEU B 197 15.60 -3.53 6.93
CA LEU B 197 15.98 -3.69 8.32
C LEU B 197 17.50 -3.76 8.50
N ILE B 198 18.22 -4.47 7.60
CA ILE B 198 19.67 -4.55 7.75
CA ILE B 198 19.68 -4.57 7.68
C ILE B 198 20.32 -3.22 7.34
N ALA B 199 19.73 -2.53 6.36
CA ALA B 199 20.19 -1.19 6.00
C ALA B 199 20.09 -0.25 7.20
N GLU B 200 19.03 -0.41 8.01
CA GLU B 200 18.82 0.44 9.16
C GLU B 200 19.83 0.20 10.25
N ALA B 201 20.22 -1.07 10.40
CA ALA B 201 21.20 -1.48 11.40
C ALA B 201 22.55 -0.86 11.05
N TYR B 202 22.93 -0.99 9.79
CA TYR B 202 24.10 -0.31 9.19
C TYR B 202 24.10 1.20 9.46
N PHE B 203 23.03 1.90 9.10
CA PHE B 203 22.96 3.36 9.28
C PHE B 203 23.10 3.78 10.76
N LEU B 204 22.46 3.02 11.64
CA LEU B 204 22.55 3.23 13.11
C LEU B 204 24.00 3.08 13.60
N LEU B 205 24.67 2.02 13.17
CA LEU B 205 26.05 1.81 13.54
C LEU B 205 26.96 2.86 12.92
N LYS B 206 26.69 3.17 11.65
CA LYS B 206 27.46 4.18 10.93
C LYS B 206 27.39 5.54 11.60
N HIS B 207 26.18 5.99 11.94
CA HIS B 207 26.01 7.35 12.43
C HIS B 207 26.18 7.49 13.94
N VAL B 208 25.62 6.57 14.74
CA VAL B 208 25.72 6.67 16.20
C VAL B 208 27.12 6.30 16.68
N LEU B 209 27.72 5.25 16.14
CA LEU B 209 29.07 4.86 16.54
C LEU B 209 30.18 5.27 15.57
N GLY B 210 29.83 5.94 14.47
CA GLY B 210 30.86 6.40 13.52
C GLY B 210 31.69 5.28 12.91
N MET B 211 31.10 4.08 12.82
CA MET B 211 31.78 2.91 12.29
C MET B 211 32.11 3.05 10.80
N ASP B 212 33.32 2.60 10.44
CA ASP B 212 33.73 2.54 9.05
C ASP B 212 33.46 1.14 8.44
N ALA B 213 33.72 1.02 7.14
CA ALA B 213 33.55 -0.23 6.40
C ALA B 213 34.08 -1.44 7.16
N ALA B 214 35.33 -1.34 7.60
CA ALA B 214 36.04 -2.46 8.21
C ALA B 214 35.38 -3.02 9.47
N GLU B 215 34.89 -2.13 10.34
CA GLU B 215 34.30 -2.58 11.60
C GLU B 215 32.86 -2.98 11.42
N LEU B 216 32.19 -2.37 10.46
CA LEU B 216 30.85 -2.83 10.08
C LEU B 216 30.96 -4.28 9.68
N HIS B 217 31.92 -4.57 8.80
CA HIS B 217 32.23 -5.94 8.39
C HIS B 217 32.49 -6.92 9.55
N GLU B 218 33.24 -6.51 10.57
CA GLU B 218 33.46 -7.39 11.70
C GLU B 218 32.16 -7.65 12.47
N VAL B 219 31.31 -6.63 12.59
CA VAL B 219 30.03 -6.74 13.29
C VAL B 219 29.04 -7.64 12.55
N PHE B 220 28.91 -7.47 11.24
CA PHE B 220 28.00 -8.32 10.47
C PHE B 220 28.53 -9.75 10.34
N ALA B 221 29.85 -9.91 10.43
CA ALA B 221 30.45 -11.25 10.44
C ALA B 221 30.18 -11.95 11.77
N ASP B 222 30.37 -11.24 12.89
CA ASP B 222 29.97 -11.74 14.20
CA ASP B 222 29.97 -11.76 14.20
C ASP B 222 28.49 -12.12 14.22
N TRP B 223 27.65 -11.28 13.64
CA TRP B 223 26.21 -11.55 13.71
C TRP B 223 25.80 -12.81 12.96
N ASN B 224 26.52 -13.12 11.90
CA ASN B 224 26.24 -14.30 11.09
C ASN B 224 26.52 -15.62 11.80
N LYS B 225 27.35 -15.58 12.83
CA LYS B 225 27.65 -16.76 13.62
C LYS B 225 26.56 -17.09 14.66
N GLY B 226 25.61 -16.18 14.87
CA GLY B 226 24.48 -16.46 15.75
C GLY B 226 23.16 -16.64 15.01
N GLU B 227 22.06 -16.32 15.71
CA GLU B 227 20.71 -16.55 15.23
C GLU B 227 20.39 -15.80 13.92
N LEU B 228 21.09 -14.70 13.65
CA LEU B 228 20.88 -13.94 12.41
C LEU B 228 21.47 -14.64 11.17
N ASN B 229 22.23 -15.72 11.37
CA ASN B 229 22.79 -16.49 10.26
C ASN B 229 21.86 -16.57 9.06
N SER B 230 22.29 -16.00 7.94
CA SER B 230 21.46 -15.82 6.76
C SER B 230 22.32 -15.39 5.56
N TYR B 231 21.85 -15.69 4.36
CA TYR B 231 22.55 -15.29 3.16
C TYR B 231 22.72 -13.76 3.05
N LEU B 232 21.72 -13.01 3.50
CA LEU B 232 21.76 -11.53 3.38
C LEU B 232 22.76 -10.88 4.36
N ILE B 233 22.78 -11.36 5.60
CA ILE B 233 23.83 -10.96 6.56
C ILE B 233 25.21 -11.36 6.07
N GLU B 234 25.33 -12.59 5.58
CA GLU B 234 26.59 -13.08 5.03
C GLU B 234 27.11 -12.14 3.93
N ILE B 235 26.32 -11.89 2.90
CA ILE B 235 26.75 -11.04 1.81
C ILE B 235 26.97 -9.61 2.23
N THR B 236 26.24 -9.15 3.25
CA THR B 236 26.47 -7.82 3.82
C THR B 236 27.89 -7.71 4.45
N ALA B 237 28.28 -8.73 5.18
CA ALA B 237 29.62 -8.78 5.78
C ALA B 237 30.70 -8.74 4.70
N ASP B 238 30.50 -9.52 3.64
CA ASP B 238 31.41 -9.54 2.51
C ASP B 238 31.41 -8.18 1.77
N ILE B 239 30.24 -7.57 1.58
CA ILE B 239 30.16 -6.29 0.88
C ILE B 239 31.08 -5.23 1.51
N PHE B 240 31.17 -5.23 2.84
CA PHE B 240 31.96 -4.22 3.57
C PHE B 240 33.46 -4.45 3.55
N THR B 241 33.90 -5.57 2.95
CA THR B 241 35.31 -5.82 2.71
C THR B 241 35.80 -5.36 1.33
N LYS B 242 34.88 -4.94 0.47
CA LYS B 242 35.24 -4.59 -0.91
C LYS B 242 35.83 -3.19 -0.98
N ILE B 243 36.88 -3.04 -1.80
CA ILE B 243 37.58 -1.77 -1.96
C ILE B 243 37.53 -1.36 -3.44
N ASP B 244 37.26 -0.09 -3.67
CA ASP B 244 37.20 0.46 -5.00
C ASP B 244 38.62 0.74 -5.47
N GLU B 245 38.95 0.33 -6.70
CA GLU B 245 40.32 0.44 -7.20
C GLU B 245 40.74 1.89 -7.46
N GLU B 246 39.88 2.65 -8.12
CA GLU B 246 40.18 4.05 -8.47
C GLU B 246 40.42 4.94 -7.25
N THR B 247 39.41 4.99 -6.38
CA THR B 247 39.40 5.92 -5.24
C THR B 247 40.08 5.34 -4.00
N GLY B 248 40.16 4.02 -3.90
CA GLY B 248 40.68 3.37 -2.70
C GLY B 248 39.72 3.38 -1.52
N LYS B 249 38.49 3.86 -1.74
CA LYS B 249 37.48 3.88 -0.70
C LYS B 249 36.82 2.51 -0.70
N PRO B 250 36.13 2.15 0.41
CA PRO B 250 35.16 1.06 0.33
C PRO B 250 34.23 1.26 -0.85
N LEU B 251 34.03 0.20 -1.63
CA LEU B 251 33.16 0.29 -2.81
CA LEU B 251 33.15 0.28 -2.79
C LEU B 251 31.78 0.78 -2.39
N VAL B 252 31.30 0.28 -1.25
CA VAL B 252 29.96 0.63 -0.78
C VAL B 252 29.79 2.15 -0.56
N ASP B 253 30.88 2.81 -0.19
CA ASP B 253 30.85 4.26 0.04
C ASP B 253 30.81 5.07 -1.26
N VAL B 254 31.13 4.43 -2.38
CA VAL B 254 31.14 5.09 -3.69
C VAL B 254 29.85 4.80 -4.51
N ILE B 255 28.96 3.96 -3.98
CA ILE B 255 27.76 3.55 -4.69
C ILE B 255 26.64 4.51 -4.37
N LEU B 256 25.94 4.95 -5.41
CA LEU B 256 24.87 5.90 -5.26
C LEU B 256 23.67 5.28 -4.50
N ASP B 257 23.32 5.93 -3.39
CA ASP B 257 22.20 5.57 -2.52
C ASP B 257 20.81 5.83 -3.14
N LYS B 258 20.52 5.11 -4.22
CA LYS B 258 19.31 5.30 -5.03
C LYS B 258 18.79 3.89 -5.39
N ALA B 259 18.07 3.27 -4.46
CA ALA B 259 17.64 1.88 -4.54
C ALA B 259 16.61 1.62 -5.64
N GLY B 260 16.97 0.77 -6.61
CA GLY B 260 16.07 0.41 -7.70
C GLY B 260 15.09 -0.60 -7.18
N GLN B 261 14.05 -0.84 -7.95
CA GLN B 261 13.18 -1.98 -7.73
C GLN B 261 12.41 -2.30 -8.99
N LYS B 262 12.14 -3.59 -9.17
CA LYS B 262 11.24 -4.06 -10.21
C LYS B 262 9.82 -3.63 -9.83
N GLY B 263 8.99 -3.41 -10.85
CA GLY B 263 7.56 -3.13 -10.64
C GLY B 263 6.86 -4.17 -9.80
N THR B 264 7.50 -5.33 -9.64
CA THR B 264 6.99 -6.39 -8.82
C THR B 264 7.10 -6.14 -7.31
N GLY B 265 7.97 -5.22 -6.89
CA GLY B 265 8.27 -5.02 -5.50
C GLY B 265 7.07 -4.61 -4.66
N LYS B 266 6.17 -3.88 -5.29
CA LYS B 266 5.02 -3.30 -4.63
C LYS B 266 3.86 -4.25 -4.46
N TRP B 267 3.90 -5.41 -5.14
CA TRP B 267 2.71 -6.25 -5.23
C TRP B 267 2.22 -6.76 -3.89
N THR B 268 3.15 -7.13 -3.01
CA THR B 268 2.77 -7.77 -1.75
C THR B 268 1.96 -6.76 -0.95
N SER B 269 2.48 -5.54 -0.87
CA SER B 269 1.83 -4.41 -0.19
C SER B 269 0.48 -4.06 -0.77
N GLN B 270 0.37 -4.02 -2.09
CA GLN B 270 -0.91 -3.78 -2.72
C GLN B 270 -1.88 -4.86 -2.37
N ASN B 271 -1.41 -6.11 -2.36
CA ASN B 271 -2.30 -7.23 -2.02
C ASN B 271 -2.77 -7.22 -0.58
N ALA B 272 -1.88 -6.83 0.33
CA ALA B 272 -2.22 -6.71 1.73
C ALA B 272 -3.33 -5.71 1.91
N LEU B 273 -3.27 -4.63 1.14
CA LEU B 273 -4.32 -3.64 1.20
C LEU B 273 -5.61 -4.25 0.68
N ASP B 274 -5.56 -5.02 -0.39
CA ASP B 274 -6.74 -5.74 -0.89
C ASP B 274 -7.36 -6.66 0.17
N LEU B 275 -6.53 -7.43 0.90
CA LEU B 275 -7.05 -8.41 1.86
C LEU B 275 -7.39 -7.85 3.23
N GLY B 276 -6.99 -6.62 3.50
CA GLY B 276 -7.22 -6.04 4.81
C GLY B 276 -6.28 -6.59 5.87
N VAL B 277 -5.03 -6.84 5.49
CA VAL B 277 -4.03 -7.31 6.45
CA VAL B 277 -3.99 -7.33 6.42
C VAL B 277 -2.93 -6.26 6.68
N PRO B 278 -2.57 -6.02 7.96
CA PRO B 278 -1.50 -5.05 8.21
C PRO B 278 -0.13 -5.53 7.78
N LEU B 279 0.50 -4.83 6.86
CA LEU B 279 1.83 -5.19 6.42
C LEU B 279 2.78 -3.98 6.48
N PRO B 280 2.87 -3.36 7.66
CA PRO B 280 3.59 -2.09 7.70
C PRO B 280 5.08 -2.16 7.40
N ILE B 281 5.75 -3.25 7.75
CA ILE B 281 7.23 -3.22 7.70
C ILE B 281 7.72 -3.32 6.25
N ILE B 282 7.11 -4.22 5.49
CA ILE B 282 7.47 -4.41 4.10
C ILE B 282 7.03 -3.25 3.25
N THR B 283 5.89 -2.66 3.61
CA THR B 283 5.40 -1.47 2.90
C THR B 283 6.27 -0.26 3.16
N GLU B 284 6.69 -0.04 4.39
CA GLU B 284 7.68 1.01 4.67
C GLU B 284 9.00 0.79 3.93
N SER B 285 9.35 -0.47 3.68
CA SER B 285 10.58 -0.80 2.99
C SER B 285 10.51 -0.45 1.51
N VAL B 286 9.36 -0.74 0.90
CA VAL B 286 9.10 -0.30 -0.46
C VAL B 286 9.14 1.24 -0.56
N PHE B 287 8.50 1.94 0.40
CA PHE B 287 8.47 3.40 0.40
C PHE B 287 9.84 3.99 0.68
N ALA B 288 10.67 3.26 1.41
CA ALA B 288 12.03 3.68 1.66
C ALA B 288 12.88 3.62 0.38
N ARG B 289 12.66 2.63 -0.48
CA ARG B 289 13.27 2.61 -1.81
C ARG B 289 12.84 3.78 -2.68
N PHE B 290 11.56 4.12 -2.63
CA PHE B 290 11.01 5.24 -3.40
C PHE B 290 11.67 6.53 -2.94
N LEU B 291 11.74 6.69 -1.61
CA LEU B 291 12.41 7.83 -0.97
CA LEU B 291 12.37 7.87 -1.05
C LEU B 291 13.87 7.95 -1.39
N SER B 292 14.59 6.85 -1.36
CA SER B 292 16.01 6.86 -1.77
C SER B 292 16.16 7.22 -3.24
N ALA B 293 15.15 6.89 -4.05
CA ALA B 293 15.13 7.21 -5.47
C ALA B 293 14.98 8.71 -5.72
N MET B 294 14.54 9.43 -4.70
CA MET B 294 14.36 10.89 -4.78
C MET B 294 15.62 11.58 -4.25
N LYS B 295 16.78 11.11 -4.71
CA LYS B 295 18.05 11.56 -4.18
C LYS B 295 18.22 13.06 -4.33
N ASP B 296 17.83 13.58 -5.48
CA ASP B 296 18.01 15.00 -5.80
C ASP B 296 17.17 15.90 -4.92
N GLU B 297 15.92 15.51 -4.67
CA GLU B 297 15.08 16.20 -3.69
C GLU B 297 15.73 16.16 -2.31
N ARG B 298 16.19 14.98 -1.91
CA ARG B 298 16.80 14.81 -0.60
C ARG B 298 18.04 15.69 -0.37
N VAL B 299 18.91 15.80 -1.37
CA VAL B 299 20.11 16.60 -1.18
C VAL B 299 19.67 18.06 -1.13
N LYS B 300 18.67 18.43 -1.93
CA LYS B 300 18.12 19.78 -1.88
C LYS B 300 17.61 20.07 -0.47
N ALA B 301 16.79 19.18 0.06
CA ALA B 301 16.21 19.37 1.40
C ALA B 301 17.27 19.40 2.49
N SER B 302 18.35 18.66 2.32
CA SER B 302 19.41 18.54 3.34
C SER B 302 20.12 19.85 3.60
N LYS B 303 20.13 20.71 2.61
CA LYS B 303 20.71 22.05 2.70
C LYS B 303 19.75 23.04 3.34
N VAL B 304 18.53 22.61 3.63
CA VAL B 304 17.47 23.53 4.00
C VAL B 304 16.78 23.11 5.30
N LEU B 305 16.58 21.82 5.51
CA LEU B 305 15.91 21.34 6.71
C LEU B 305 16.95 20.94 7.72
N ALA B 306 16.79 21.40 8.94
CA ALA B 306 17.71 21.06 10.03
C ALA B 306 17.14 19.94 10.87
N GLY B 307 18.03 19.07 11.32
CA GLY B 307 17.69 17.99 12.23
C GLY B 307 17.98 18.49 13.63
N PRO B 308 18.02 17.57 14.61
CA PRO B 308 18.34 17.95 15.98
C PRO B 308 19.83 18.28 16.14
N ALA B 309 20.13 19.13 17.10
CA ALA B 309 21.50 19.58 17.33
C ALA B 309 22.02 18.79 18.53
N VAL B 310 22.40 17.55 18.27
CA VAL B 310 22.61 16.55 19.31
C VAL B 310 24.10 16.24 19.50
N LYS B 311 24.43 15.86 20.74
CA LYS B 311 25.80 15.63 21.14
C LYS B 311 26.25 14.28 20.57
N PRO B 312 27.57 14.06 20.45
CA PRO B 312 28.07 12.73 20.00
C PRO B 312 27.81 11.65 21.06
N PHE B 313 27.83 10.40 20.63
CA PHE B 313 27.44 9.28 21.49
C PHE B 313 28.53 8.97 22.50
N GLU B 314 28.11 8.73 23.74
CA GLU B 314 29.03 8.42 24.83
C GLU B 314 28.63 7.18 25.65
N GLY B 315 27.52 6.53 25.28
CA GLY B 315 27.09 5.28 25.92
C GLY B 315 28.07 4.14 25.68
N ASP B 316 27.79 2.97 26.26
CA ASP B 316 28.61 1.78 26.07
C ASP B 316 28.46 1.25 24.62
N ARG B 317 29.60 1.07 23.94
CA ARG B 317 29.63 0.73 22.53
CA ARG B 317 29.64 0.73 22.52
C ARG B 317 29.16 -0.71 22.28
N ALA B 318 29.69 -1.66 23.04
CA ALA B 318 29.31 -3.06 22.90
C ALA B 318 27.82 -3.25 23.18
N HIS B 319 27.30 -2.57 24.21
CA HIS B 319 25.87 -2.58 24.48
C HIS B 319 25.05 -2.05 23.32
N PHE B 320 25.46 -0.94 22.73
CA PHE B 320 24.68 -0.40 21.65
C PHE B 320 24.70 -1.34 20.46
N ILE B 321 25.86 -1.94 20.16
CA ILE B 321 25.94 -2.85 19.03
C ILE B 321 24.98 -4.01 19.22
N GLU B 322 24.94 -4.57 20.43
CA GLU B 322 24.06 -5.70 20.70
C GLU B 322 22.60 -5.29 20.66
N ALA B 323 22.30 -4.04 21.05
CA ALA B 323 20.93 -3.50 20.98
C ALA B 323 20.45 -3.44 19.55
N VAL B 324 21.29 -2.91 18.67
CA VAL B 324 20.99 -2.88 17.23
C VAL B 324 20.74 -4.28 16.71
N ARG B 325 21.65 -5.20 17.03
CA ARG B 325 21.47 -6.60 16.64
C ARG B 325 20.09 -7.13 17.09
N ARG B 326 19.75 -6.93 18.36
CA ARG B 326 18.49 -7.41 18.89
C ARG B 326 17.28 -6.74 18.27
N ALA B 327 17.33 -5.42 18.10
CA ALA B 327 16.28 -4.68 17.43
C ALA B 327 16.08 -5.23 16.01
N LEU B 328 17.19 -5.53 15.35
CA LEU B 328 17.13 -6.08 13.99
C LEU B 328 16.42 -7.46 13.95
N TYR B 329 16.75 -8.33 14.90
CA TYR B 329 16.09 -9.64 14.98
C TYR B 329 14.61 -9.56 15.33
N MET B 330 14.26 -8.83 16.39
CA MET B 330 12.85 -8.67 16.72
C MET B 330 12.08 -8.07 15.56
N SER B 331 12.65 -7.06 14.90
CA SER B 331 11.99 -6.44 13.73
C SER B 331 11.70 -7.44 12.63
N LYS B 332 12.69 -8.29 12.37
CA LYS B 332 12.57 -9.33 11.38
C LYS B 332 11.43 -10.29 11.73
N ILE B 333 11.37 -10.69 13.00
CA ILE B 333 10.28 -11.52 13.51
C ILE B 333 8.93 -10.89 13.15
N CYS B 334 8.76 -9.60 13.48
CA CYS B 334 7.53 -8.87 13.21
C CYS B 334 7.16 -8.83 11.71
N SER B 335 8.14 -8.63 10.83
CA SER B 335 7.89 -8.66 9.39
C SER B 335 7.38 -10.01 8.93
N TYR B 336 8.06 -11.07 9.37
CA TYR B 336 7.64 -12.43 8.99
C TYR B 336 6.27 -12.77 9.55
N ALA B 337 6.00 -12.43 10.80
CA ALA B 337 4.66 -12.56 11.34
C ALA B 337 3.61 -11.90 10.45
N GLN B 338 3.91 -10.69 9.99
CA GLN B 338 2.98 -9.99 9.11
C GLN B 338 2.79 -10.67 7.73
N GLY B 339 3.89 -11.16 7.15
CA GLY B 339 3.87 -11.79 5.84
C GLY B 339 3.19 -13.14 5.86
N PHE B 340 3.42 -13.90 6.92
CA PHE B 340 2.74 -15.17 7.10
C PHE B 340 1.25 -15.04 7.40
N ALA B 341 0.88 -13.97 8.10
CA ALA B 341 -0.52 -13.70 8.34
C ALA B 341 -1.24 -13.22 7.06
N GLN B 342 -0.50 -12.60 6.15
CA GLN B 342 -1.01 -12.29 4.80
C GLN B 342 -1.34 -13.56 4.03
N MET B 343 -0.39 -14.49 3.98
CA MET B 343 -0.61 -15.76 3.29
C MET B 343 -1.78 -16.50 3.89
N LYS B 344 -1.93 -16.43 5.21
CA LYS B 344 -3.06 -17.08 5.87
C LYS B 344 -4.35 -16.44 5.37
N ALA B 345 -4.44 -15.10 5.46
CA ALA B 345 -5.56 -14.35 4.89
C ALA B 345 -5.81 -14.73 3.41
N ALA B 346 -4.75 -14.77 2.60
CA ALA B 346 -4.89 -15.15 1.19
C ALA B 346 -5.45 -16.57 1.02
N SER B 347 -4.86 -17.51 1.76
CA SER B 347 -5.29 -18.91 1.72
C SER B 347 -6.78 -19.05 2.00
N GLU B 348 -7.27 -18.26 2.95
CA GLU B 348 -8.68 -18.24 3.32
C GLU B 348 -9.54 -17.62 2.20
N GLU B 349 -9.12 -16.47 1.70
CA GLU B 349 -9.82 -15.79 0.61
C GLU B 349 -9.97 -16.62 -0.69
N TYR B 350 -8.91 -17.31 -1.10
CA TYR B 350 -8.88 -18.01 -2.39
C TYR B 350 -9.03 -19.52 -2.22
N ASN B 351 -9.25 -19.95 -0.97
CA ASN B 351 -9.55 -21.36 -0.64
C ASN B 351 -8.40 -22.32 -1.01
N TRP B 352 -7.19 -22.02 -0.53
CA TRP B 352 -6.00 -22.74 -0.97
C TRP B 352 -5.45 -23.78 -0.01
N ASN B 353 -5.90 -23.74 1.25
CA ASN B 353 -5.37 -24.61 2.31
C ASN B 353 -3.82 -24.64 2.40
N LEU B 354 -3.19 -23.45 2.39
CA LEU B 354 -1.71 -23.36 2.39
C LEU B 354 -1.10 -24.01 3.62
N ARG B 355 0.01 -24.75 3.45
CA ARG B 355 0.76 -25.32 4.57
CA ARG B 355 0.75 -25.32 4.57
C ARG B 355 1.98 -24.46 4.92
N TYR B 356 1.83 -23.62 5.94
CA TYR B 356 2.81 -22.58 6.29
C TYR B 356 4.14 -23.13 6.74
N GLY B 357 4.16 -24.34 7.27
CA GLY B 357 5.41 -25.02 7.61
C GLY B 357 6.16 -25.49 6.37
N ASP B 358 5.45 -26.05 5.42
CA ASP B 358 6.05 -26.44 4.14
C ASP B 358 6.58 -25.24 3.36
N ILE B 359 5.88 -24.11 3.42
CA ILE B 359 6.34 -22.87 2.80
C ILE B 359 7.63 -22.34 3.45
N ALA B 360 7.70 -22.33 4.76
CA ALA B 360 8.92 -21.92 5.45
C ALA B 360 10.05 -22.88 5.06
N MET B 361 9.71 -24.14 4.91
CA MET B 361 10.67 -25.19 4.58
C MET B 361 11.32 -24.96 3.22
N ILE B 362 10.55 -24.53 2.24
CA ILE B 362 11.11 -24.30 0.91
C ILE B 362 11.78 -22.94 0.81
N PHE B 363 11.63 -22.09 1.83
CA PHE B 363 12.44 -20.86 1.94
C PHE B 363 13.79 -21.05 2.66
N ARG B 364 14.12 -22.29 3.10
CA ARG B 364 15.35 -22.58 3.87
CA ARG B 364 15.35 -22.49 3.87
C ARG B 364 16.59 -22.62 3.01
N GLY B 365 16.40 -22.89 1.73
CA GLY B 365 17.50 -23.01 0.77
C GLY B 365 17.06 -22.42 -0.56
N GLY B 366 18.03 -22.18 -1.44
CA GLY B 366 17.72 -21.71 -2.79
C GLY B 366 17.35 -20.24 -2.85
N CYS B 367 16.41 -19.80 -2.04
CA CYS B 367 15.88 -18.44 -2.14
C CYS B 367 16.83 -17.43 -1.50
N ILE B 368 16.54 -16.12 -1.66
CA ILE B 368 17.43 -15.04 -1.16
C ILE B 368 17.30 -14.84 0.36
N ILE B 369 16.10 -15.11 0.91
CA ILE B 369 15.84 -14.92 2.35
C ILE B 369 16.28 -16.09 3.24
N ARG B 370 16.94 -17.06 2.61
CA ARG B 370 17.35 -18.28 3.26
C ARG B 370 18.21 -18.01 4.48
N ALA B 371 17.79 -18.60 5.59
CA ALA B 371 18.35 -18.36 6.90
C ALA B 371 17.92 -19.51 7.79
N GLN B 372 18.65 -19.76 8.88
CA GLN B 372 18.25 -20.80 9.86
C GLN B 372 17.03 -20.34 10.63
N PHE B 373 16.80 -19.04 10.62
CA PHE B 373 15.53 -18.43 10.99
C PHE B 373 14.26 -19.19 10.52
N LEU B 374 14.28 -19.60 9.26
CA LEU B 374 13.11 -20.22 8.61
C LEU B 374 12.75 -21.58 9.24
N GLN B 375 13.76 -22.25 9.78
CA GLN B 375 13.58 -23.47 10.56
C GLN B 375 12.69 -23.26 11.77
N LYS B 376 12.79 -22.11 12.40
CA LYS B 376 12.04 -21.87 13.63
C LYS B 376 10.57 -21.56 13.27
N ILE B 377 10.35 -21.03 12.06
CA ILE B 377 9.00 -20.84 11.58
C ILE B 377 8.36 -22.19 11.26
N LYS B 378 9.08 -23.00 10.49
CA LYS B 378 8.70 -24.37 10.23
C LYS B 378 8.27 -25.05 11.52
N GLU B 379 9.09 -24.89 12.56
CA GLU B 379 8.83 -25.58 13.82
C GLU B 379 7.57 -25.07 14.51
N ALA B 380 7.29 -23.78 14.37
CA ALA B 380 6.11 -23.18 14.98
C ALA B 380 4.82 -23.74 14.38
N TYR B 381 4.79 -23.91 13.05
CA TYR B 381 3.63 -24.50 12.38
C TYR B 381 3.57 -26.00 12.53
N ASP B 382 4.71 -26.66 12.66
CA ASP B 382 4.69 -28.12 12.91
C ASP B 382 4.06 -28.38 14.30
N ARG B 383 4.30 -27.44 15.20
CA ARG B 383 3.67 -27.38 16.51
C ARG B 383 2.17 -27.05 16.40
N ASP B 384 1.85 -25.93 15.74
CA ASP B 384 0.46 -25.47 15.57
C ASP B 384 0.20 -25.00 14.15
N PRO B 385 -0.27 -25.90 13.28
CA PRO B 385 -0.60 -25.61 11.89
C PRO B 385 -1.53 -24.42 11.64
N ALA B 386 -2.48 -24.18 12.53
CA ALA B 386 -3.41 -23.08 12.39
C ALA B 386 -3.03 -21.91 13.29
N LEU B 387 -1.75 -21.81 13.63
CA LEU B 387 -1.22 -20.67 14.36
C LEU B 387 -1.58 -19.39 13.63
N SER B 388 -2.31 -18.51 14.30
CA SER B 388 -2.79 -17.28 13.66
C SER B 388 -1.68 -16.25 13.50
N ASN B 389 -0.72 -16.23 14.41
CA ASN B 389 0.38 -15.27 14.31
C ASN B 389 1.63 -15.84 14.98
N LEU B 390 2.76 -15.73 14.30
CA LEU B 390 4.03 -16.32 14.75
C LEU B 390 4.55 -15.73 16.06
N LEU B 391 4.09 -14.53 16.38
CA LEU B 391 4.45 -13.89 17.63
C LEU B 391 3.94 -14.68 18.82
N LEU B 392 2.86 -15.44 18.62
CA LEU B 392 2.26 -16.22 19.69
CA LEU B 392 2.25 -16.24 19.68
C LEU B 392 2.99 -17.55 19.93
N ASP B 393 4.00 -17.86 19.12
CA ASP B 393 4.73 -19.12 19.27
C ASP B 393 5.77 -19.03 20.39
N SER B 394 5.92 -20.12 21.14
CA SER B 394 6.85 -20.19 22.26
C SER B 394 8.23 -19.54 21.97
N TYR B 395 8.89 -20.00 20.90
CA TYR B 395 10.20 -19.47 20.54
C TYR B 395 10.18 -17.94 20.31
N PHE B 396 9.24 -17.46 19.49
CA PHE B 396 9.22 -16.04 19.13
C PHE B 396 8.77 -15.14 20.27
N LYS B 397 7.81 -15.63 21.06
CA LYS B 397 7.35 -14.96 22.26
C LYS B 397 8.50 -14.70 23.27
N ASP B 398 9.40 -15.67 23.42
CA ASP B 398 10.57 -15.54 24.29
C ASP B 398 11.54 -14.49 23.76
N ILE B 399 11.77 -14.46 22.45
CA ILE B 399 12.68 -13.47 21.87
C ILE B 399 12.16 -12.06 22.13
N VAL B 400 10.90 -11.82 21.76
CA VAL B 400 10.36 -10.45 21.81
C VAL B 400 10.27 -9.94 23.23
N GLU B 401 10.00 -10.83 24.19
CA GLU B 401 9.98 -10.40 25.58
C GLU B 401 11.37 -9.98 26.02
N ARG B 402 12.40 -10.70 25.56
CA ARG B 402 13.79 -10.42 25.94
C ARG B 402 14.47 -9.34 25.11
N TYR B 403 13.96 -9.08 23.90
CA TYR B 403 14.64 -8.16 22.98
C TYR B 403 13.92 -6.80 22.82
N GLN B 404 12.68 -6.71 23.30
CA GLN B 404 11.85 -5.53 23.01
C GLN B 404 12.50 -4.31 23.62
N ASP B 405 13.29 -4.51 24.66
CA ASP B 405 13.93 -3.38 25.27
C ASP B 405 15.07 -2.82 24.42
N ALA B 406 15.70 -3.67 23.61
CA ALA B 406 16.66 -3.19 22.62
C ALA B 406 15.96 -2.37 21.55
N LEU B 407 14.83 -2.88 21.07
CA LEU B 407 14.06 -2.22 20.01
C LEU B 407 13.61 -0.84 20.45
N ARG B 408 13.08 -0.74 21.65
CA ARG B 408 12.63 0.51 22.20
C ARG B 408 13.79 1.48 22.34
N GLU B 409 14.91 1.01 22.90
CA GLU B 409 16.09 1.86 23.08
C GLU B 409 16.54 2.35 21.71
N ILE B 410 16.46 1.48 20.71
CA ILE B 410 16.92 1.84 19.36
C ILE B 410 16.01 2.85 18.69
N VAL B 411 14.70 2.69 18.89
CA VAL B 411 13.72 3.59 18.31
C VAL B 411 13.82 4.94 18.98
N ALA B 412 13.95 4.94 20.30
CA ALA B 412 14.08 6.16 21.07
C ALA B 412 15.39 6.91 20.77
N THR B 413 16.46 6.17 20.54
CA THR B 413 17.75 6.78 20.24
C THR B 413 17.73 7.35 18.82
N ALA B 414 17.18 6.57 17.89
CA ALA B 414 17.02 7.00 16.48
C ALA B 414 16.27 8.32 16.39
N ALA B 415 15.14 8.39 17.11
CA ALA B 415 14.30 9.60 17.14
C ALA B 415 15.09 10.80 17.63
N MET B 416 15.75 10.62 18.77
CA MET B 416 16.45 11.71 19.46
CA MET B 416 16.42 11.73 19.43
C MET B 416 17.71 12.15 18.73
N ARG B 417 18.31 11.25 17.96
CA ARG B 417 19.49 11.56 17.16
C ARG B 417 19.17 11.92 15.71
N GLY B 418 17.92 11.71 15.28
CA GLY B 418 17.49 12.08 13.94
C GLY B 418 17.94 11.10 12.88
N ILE B 419 18.02 9.82 13.26
CA ILE B 419 18.43 8.78 12.34
C ILE B 419 17.16 8.01 12.00
N PRO B 420 16.78 7.97 10.72
CA PRO B 420 15.53 7.34 10.33
C PRO B 420 15.55 5.81 10.36
N VAL B 421 14.52 5.23 10.97
CA VAL B 421 14.43 3.81 11.13
C VAL B 421 12.96 3.39 10.86
N PRO B 422 12.48 3.64 9.64
CA PRO B 422 11.06 3.42 9.31
C PRO B 422 10.58 2.00 9.59
N GLY B 423 11.41 1.02 9.24
CA GLY B 423 11.12 -0.41 9.44
C GLY B 423 11.02 -0.84 10.88
N SER B 424 12.08 -0.52 11.64
CA SER B 424 12.15 -0.93 13.01
C SER B 424 11.11 -0.21 13.85
N ALA B 425 10.96 1.10 13.64
CA ALA B 425 9.90 1.88 14.29
C ALA B 425 8.51 1.28 14.07
N SER B 426 8.17 0.98 12.83
CA SER B 426 6.85 0.41 12.52
C SER B 426 6.73 -1.00 13.07
N ALA B 427 7.85 -1.69 13.25
CA ALA B 427 7.81 -3.01 13.88
C ALA B 427 7.32 -2.88 15.31
N LEU B 428 7.86 -1.89 16.00
CA LEU B 428 7.52 -1.65 17.40
C LEU B 428 6.07 -1.28 17.53
N ALA B 429 5.64 -0.34 16.70
CA ALA B 429 4.27 0.11 16.66
C ALA B 429 3.26 -1.06 16.47
N TYR B 430 3.63 -1.99 15.60
CA TYR B 430 2.80 -3.17 15.30
C TYR B 430 2.73 -4.07 16.51
N TYR B 431 3.90 -4.41 17.05
CA TYR B 431 3.97 -5.20 18.26
C TYR B 431 3.08 -4.59 19.35
N ASP B 432 3.22 -3.28 19.58
CA ASP B 432 2.45 -2.59 20.64
C ASP B 432 0.95 -2.46 20.33
N SER B 433 0.60 -2.52 19.06
CA SER B 433 -0.81 -2.48 18.62
C SER B 433 -1.45 -3.86 18.70
N TYR B 434 -0.68 -4.87 18.29
CA TYR B 434 -1.14 -6.26 18.30
C TYR B 434 -1.46 -6.75 19.71
N ARG B 435 -0.61 -6.39 20.67
CA ARG B 435 -0.79 -6.87 22.04
C ARG B 435 -1.75 -6.01 22.87
N THR B 436 -2.37 -5.01 22.26
CA THR B 436 -3.16 -4.04 23.00
C THR B 436 -4.63 -4.35 22.73
N ALA B 437 -5.37 -4.64 23.79
CA ALA B 437 -6.73 -5.15 23.67
C ALA B 437 -7.72 -4.07 23.29
N VAL B 438 -7.51 -2.82 23.72
CA VAL B 438 -8.38 -1.70 23.35
C VAL B 438 -7.58 -0.57 22.69
N LEU B 439 -7.75 -0.44 21.38
CA LEU B 439 -7.05 0.58 20.60
C LEU B 439 -7.93 1.83 20.47
N PRO B 440 -7.34 2.96 20.02
CA PRO B 440 -8.15 4.19 19.91
C PRO B 440 -9.11 4.21 18.73
N ALA B 441 -9.40 3.05 18.15
CA ALA B 441 -10.33 2.97 17.01
C ALA B 441 -11.78 3.25 17.42
N ASN B 442 -12.05 3.26 18.73
CA ASN B 442 -13.36 3.68 19.23
C ASN B 442 -13.67 5.14 18.88
N LEU B 443 -12.66 6.01 18.93
CA LEU B 443 -12.83 7.41 18.53
C LEU B 443 -13.06 7.48 17.03
N ILE B 444 -12.24 6.74 16.27
CA ILE B 444 -12.34 6.66 14.81
C ILE B 444 -13.75 6.26 14.42
N GLN B 445 -14.26 5.16 14.98
CA GLN B 445 -15.64 4.74 14.74
C GLN B 445 -16.71 5.77 15.11
N ALA B 446 -16.48 6.51 16.20
CA ALA B 446 -17.38 7.60 16.60
C ALA B 446 -17.38 8.69 15.54
N GLN B 447 -16.19 9.01 15.05
CA GLN B 447 -16.02 10.04 14.03
C GLN B 447 -16.80 9.66 12.76
N ARG B 448 -16.61 8.44 12.28
CA ARG B 448 -17.31 7.95 11.07
C ARG B 448 -18.84 7.99 11.17
N ASP B 449 -19.38 7.67 12.34
CA ASP B 449 -20.83 7.71 12.56
CA ASP B 449 -20.83 7.72 12.56
C ASP B 449 -21.31 9.16 12.62
N TYR B 450 -20.46 10.02 13.18
CA TYR B 450 -20.75 11.45 13.32
C TYR B 450 -20.89 12.11 11.96
N PHE B 451 -19.98 11.81 11.03
CA PHE B 451 -20.02 12.53 9.74
C PHE B 451 -20.69 11.81 8.56
N GLY B 452 -20.71 10.48 8.58
CA GLY B 452 -21.29 9.71 7.46
C GLY B 452 -22.20 8.56 7.84
N ALA B 453 -22.67 8.56 9.09
CA ALA B 453 -23.65 7.58 9.57
C ALA B 453 -23.28 6.12 9.25
N HIS B 454 -22.01 5.77 9.42
CA HIS B 454 -21.51 4.43 9.09
C HIS B 454 -21.77 3.39 10.17
N THR B 455 -22.34 3.82 11.31
CA THR B 455 -22.79 2.93 12.38
C THR B 455 -21.59 2.33 13.14
N TYR B 456 -21.86 1.84 14.34
CA TYR B 456 -20.82 1.26 15.18
C TYR B 456 -21.39 0.08 15.99
N GLU B 457 -20.50 -0.65 16.65
CA GLU B 457 -20.87 -1.70 17.58
C GLU B 457 -20.43 -1.23 18.95
N ARG B 458 -20.87 -1.91 20.00
CA ARG B 458 -20.44 -1.53 21.34
C ARG B 458 -19.90 -2.69 22.16
N VAL B 459 -19.11 -2.31 23.17
CA VAL B 459 -18.43 -3.23 24.07
C VAL B 459 -19.42 -4.01 24.93
N ASP B 460 -20.51 -3.36 25.31
CA ASP B 460 -21.45 -3.92 26.31
C ASP B 460 -22.67 -4.63 25.70
N LYS B 461 -23.34 -4.00 24.73
CA LYS B 461 -24.45 -4.63 24.02
CA LYS B 461 -24.45 -4.63 24.02
C LYS B 461 -23.96 -5.31 22.74
N GLU B 462 -24.69 -6.35 22.32
CA GLU B 462 -24.33 -7.16 21.14
C GLU B 462 -25.24 -6.81 19.96
N GLY B 463 -25.14 -5.57 19.48
CA GLY B 463 -25.92 -5.10 18.33
C GLY B 463 -25.20 -4.07 17.45
N ILE B 464 -25.97 -3.48 16.54
CA ILE B 464 -25.49 -2.56 15.52
C ILE B 464 -26.20 -1.20 15.73
N PHE B 465 -25.42 -0.15 16.03
CA PHE B 465 -25.99 1.12 16.52
C PHE B 465 -25.57 2.35 15.72
N HIS B 466 -26.45 3.35 15.66
CA HIS B 466 -26.15 4.66 15.05
C HIS B 466 -26.72 5.79 15.91
N THR B 467 -25.86 6.71 16.32
CA THR B 467 -26.28 7.88 17.11
C THR B 467 -26.53 9.09 16.20
N GLU B 468 -27.55 9.88 16.53
CA GLU B 468 -27.74 11.19 15.91
C GLU B 468 -26.90 12.21 16.68
N TRP B 469 -25.69 12.45 16.18
CA TRP B 469 -24.68 13.24 16.92
C TRP B 469 -25.00 14.73 17.01
N LEU B 470 -25.91 15.21 16.16
CA LEU B 470 -26.44 16.57 16.27
C LEU B 470 -27.76 16.58 17.09
N LYS B 471 -28.05 15.45 17.76
CA LYS B 471 -29.27 15.22 18.58
C LYS B 471 -30.54 15.02 17.75
C1 6PG C . -16.34 12.04 1.46
C2 6PG C . -16.65 10.58 1.27
C3 6PG C . -17.11 10.00 2.60
C4 6PG C . -15.92 9.81 3.56
C5 6PG C . -15.28 8.43 3.50
C6 6PG C . -15.98 7.45 4.42
O1A 6PG C . -15.26 12.49 1.02
O1 6PG C . -17.17 12.76 2.08
O2 6PG C . -17.67 10.37 0.29
O3 6PG C . -17.85 8.80 2.37
O4 6PG C . -14.91 10.80 3.27
O5 6PG C . -15.32 7.88 2.17
O6 6PG C . -15.39 6.17 4.25
P 6PG C . -15.22 5.25 5.55
O1P 6PG C . -14.72 3.96 4.96
O2P 6PG C . -16.61 5.18 6.13
O3P 6PG C . -14.25 5.99 6.43
C TRS D . 16.25 -2.22 -11.99
C1 TRS D . 16.03 -0.86 -11.31
C2 TRS D . 15.78 -2.15 -13.46
C3 TRS D . 17.72 -2.73 -11.87
N TRS D . 15.38 -3.17 -11.30
O1 TRS D . 17.22 -0.35 -10.73
O2 TRS D . 14.37 -2.11 -13.47
O3 TRS D . 18.47 -2.67 -13.09
C TRS E . -18.86 -0.67 6.88
C1 TRS E . -17.68 0.03 6.24
C2 TRS E . -18.38 -1.88 7.67
C3 TRS E . -19.67 0.29 7.78
N TRS E . -19.75 -1.17 5.82
O1 TRS E . -17.23 -0.73 5.15
O2 TRS E . -17.50 -1.48 8.69
O3 TRS E . -20.34 1.26 6.98
S SO4 F . 14.60 -6.34 -7.21
O1 SO4 F . 14.04 -7.65 -6.85
O2 SO4 F . 15.25 -6.42 -8.50
O3 SO4 F . 13.54 -5.37 -7.31
O4 SO4 F . 15.54 -5.92 -6.18
S SO4 G . 14.33 -13.78 -6.55
O1 SO4 G . 13.73 -13.45 -7.85
O2 SO4 G . 15.60 -14.48 -6.75
O3 SO4 G . 14.53 -12.54 -5.79
O4 SO4 G . 13.43 -14.62 -5.75
#